data_7BO0
#
_entry.id   7BO0
#
_cell.length_a   56.820
_cell.length_b   76.690
_cell.length_c   86.930
_cell.angle_alpha   90.000
_cell.angle_beta   92.969
_cell.angle_gamma   90.000
#
_symmetry.space_group_name_H-M   'P 1 21 1'
#
loop_
_entity.id
_entity.type
_entity.pdbx_description
1 polymer 'NADPH2 dehydrogenase-like protein'
2 non-polymer 5-methyl-3~{H}-furan-2-one
3 non-polymer 'FLAVIN MONONUCLEOTIDE'
4 water water
#
_entity_poly.entity_id   1
_entity_poly.type   'polypeptide(L)'
_entity_poly.pdbx_seq_one_letter_code
;HHHHHHSSGLVPRGSHMLKLLEPFDLNGLELANRMVMAPLTRNRAGPRFVPTKMNALYYAQRSGLGLIITEATQISQQGM
GYPDTPGIYTDEQVDGWRMVTEAVHRREGCIFLQLWHVGRVSHSSFQPNGQLPVAPSAIAPEGEVMTYDGIKPFETPRAL
ETEEVAHIVEDYRKAAINAKRAGFDGIEIHSANGYLLHEFLEDGTNKRTDRYGGSIENRARIVFEVLDAVCKVYPSRRVG
IRLSPDTEFMSMSDSDRPALYSYLVQELSRRELAYLHLIEPRIKGNVDVEKESSLNVEFFRPLYKGVLITAGGYQKETGE
ERLQKQHADLVAYGRWVIANPDLPSRFEQNAPLNPYDRATFYGGNEKGYTDYPFLDPRDSQEALKEAEAAERKWRRL
;
_entity_poly.pdbx_strand_id   A,B
#
loop_
_chem_comp.id
_chem_comp.type
_chem_comp.name
_chem_comp.formula
FMN non-polymer 'FLAVIN MONONUCLEOTIDE' 'C17 H21 N4 O9 P'
U6W non-polymer 5-methyl-3~{H}-furan-2-one 'C5 H6 O2'
#
# COMPACT_ATOMS: atom_id res chain seq x y z
N MET A 17 38.05 -20.17 12.47
CA MET A 17 38.05 -21.55 12.92
C MET A 17 36.79 -21.89 13.70
N LEU A 18 36.04 -20.86 14.13
CA LEU A 18 34.76 -21.07 14.78
C LEU A 18 33.71 -21.47 13.75
N LYS A 19 33.06 -22.60 13.98
CA LYS A 19 32.00 -22.99 13.06
C LYS A 19 30.82 -22.04 13.13
N LEU A 20 30.66 -21.32 14.25
CA LEU A 20 29.66 -20.25 14.32
C LEU A 20 29.81 -19.30 13.15
N LEU A 21 31.02 -19.15 12.62
CA LEU A 21 31.28 -18.15 11.59
C LEU A 21 31.35 -18.74 10.19
N GLU A 22 31.12 -20.03 10.03
CA GLU A 22 31.14 -20.65 8.70
C GLU A 22 29.92 -20.20 7.90
N PRO A 23 30.08 -19.81 6.63
CA PRO A 23 28.90 -19.55 5.81
C PRO A 23 28.00 -20.77 5.76
N PHE A 24 26.71 -20.52 5.55
CA PHE A 24 25.76 -21.62 5.58
C PHE A 24 24.75 -21.43 4.48
N ASP A 25 24.36 -22.55 3.87
CA ASP A 25 23.45 -22.56 2.73
C ASP A 25 22.07 -23.02 3.20
N LEU A 26 21.14 -22.09 3.32
CA LEU A 26 19.79 -22.43 3.76
C LEU A 26 18.94 -22.54 2.51
N ASN A 27 19.04 -23.71 1.87
CA ASN A 27 18.30 -24.07 0.66
C ASN A 27 18.22 -22.90 -0.32
N GLY A 28 19.41 -22.42 -0.70
CA GLY A 28 19.54 -21.35 -1.67
C GLY A 28 19.84 -19.99 -1.07
N LEU A 29 19.51 -19.79 0.21
CA LEU A 29 19.87 -18.55 0.90
C LEU A 29 21.30 -18.69 1.40
N GLU A 30 22.18 -17.81 0.95
CA GLU A 30 23.60 -17.91 1.27
C GLU A 30 23.88 -17.03 2.48
N LEU A 31 23.74 -17.62 3.66
CA LEU A 31 23.95 -16.91 4.92
C LEU A 31 25.44 -16.67 5.15
N ALA A 32 25.76 -15.49 5.66
CA ALA A 32 27.18 -15.15 5.90
C ALA A 32 27.81 -15.99 7.01
N ASN A 33 27.00 -16.55 7.92
CA ASN A 33 27.51 -17.31 9.05
C ASN A 33 26.36 -18.12 9.63
N ARG A 34 26.65 -18.85 10.71
CA ARG A 34 25.70 -19.77 11.31
C ARG A 34 25.03 -19.17 12.53
N MET A 35 25.14 -17.86 12.71
CA MET A 35 24.48 -17.18 13.82
C MET A 35 23.22 -16.48 13.35
N VAL A 36 22.22 -16.48 14.22
CA VAL A 36 20.88 -15.98 13.94
C VAL A 36 20.57 -14.90 14.95
N MET A 37 20.02 -13.77 14.48
CA MET A 37 19.39 -12.85 15.43
C MET A 37 18.04 -13.41 15.85
N ALA A 38 17.94 -13.77 17.12
CA ALA A 38 16.68 -14.29 17.64
C ALA A 38 15.59 -13.21 17.55
N PRO A 39 14.31 -13.63 17.45
CA PRO A 39 13.21 -12.66 17.41
C PRO A 39 13.08 -11.95 18.75
N LEU A 40 12.92 -10.63 18.71
CA LEU A 40 12.96 -9.83 19.94
C LEU A 40 11.94 -8.71 19.89
N THR A 41 10.87 -8.85 20.65
CA THR A 41 9.91 -7.76 20.81
C THR A 41 10.60 -6.55 21.44
N ARG A 42 10.45 -5.37 20.83
CA ARG A 42 11.09 -4.16 21.37
C ARG A 42 10.11 -3.00 21.55
N ASN A 43 8.86 -3.15 21.13
CA ASN A 43 7.77 -2.18 21.35
C ASN A 43 8.11 -0.76 20.89
N ARG A 44 8.63 -0.66 19.67
CA ARG A 44 9.04 0.63 19.12
C ARG A 44 8.41 0.89 17.75
N ALA A 45 7.18 0.40 17.54
CA ALA A 45 6.52 0.70 16.28
C ALA A 45 5.97 2.13 16.29
N GLY A 46 5.79 2.68 15.10
CA GLY A 46 5.14 3.97 14.93
C GLY A 46 3.64 3.84 15.01
N PRO A 47 2.92 4.95 14.76
CA PRO A 47 1.46 4.91 14.87
C PRO A 47 0.83 3.85 13.99
N ARG A 48 -0.25 3.26 14.50
CA ARG A 48 -0.99 2.20 13.84
C ARG A 48 -0.11 0.98 13.57
N PHE A 49 0.89 0.79 14.44
CA PHE A 49 1.79 -0.38 14.46
C PHE A 49 2.62 -0.50 13.17
N VAL A 50 3.13 0.61 12.69
CA VAL A 50 3.82 0.73 11.41
C VAL A 50 5.31 0.92 11.66
N PRO A 51 6.19 0.08 11.11
CA PRO A 51 7.64 0.29 11.31
C PRO A 51 8.14 1.61 10.73
N THR A 52 9.21 2.13 11.35
CA THR A 52 9.77 3.45 11.11
C THR A 52 11.20 3.33 10.60
N LYS A 53 11.80 4.44 10.18
CA LYS A 53 13.22 4.39 9.75
C LYS A 53 14.09 3.96 10.92
N MET A 54 13.70 4.35 12.13
CA MET A 54 14.45 3.92 13.31
C MET A 54 14.52 2.41 13.42
N ASN A 55 13.43 1.71 13.10
CA ASN A 55 13.46 0.25 13.14
C ASN A 55 14.31 -0.31 12.01
N ALA A 56 14.26 0.33 10.83
CA ALA A 56 15.12 -0.07 9.73
C ALA A 56 16.59 0.01 10.10
N LEU A 57 16.99 1.10 10.77
CA LEU A 57 18.38 1.24 11.21
C LEU A 57 18.75 0.13 12.19
N TYR A 58 17.84 -0.18 13.12
CA TYR A 58 18.14 -1.21 14.11
C TYR A 58 18.43 -2.54 13.43
N TYR A 59 17.59 -2.94 12.47
CA TYR A 59 17.85 -4.19 11.80
C TYR A 59 19.05 -4.08 10.85
N ALA A 60 19.17 -2.96 10.14
CA ALA A 60 20.34 -2.80 9.29
C ALA A 60 21.63 -2.89 10.09
N GLN A 61 21.63 -2.36 11.32
CA GLN A 61 22.85 -2.44 12.12
C GLN A 61 23.21 -3.90 12.43
N ARG A 62 22.21 -4.77 12.46
CA ARG A 62 22.40 -6.17 12.83
C ARG A 62 22.46 -7.09 11.61
N SER A 63 22.66 -6.52 10.41
CA SER A 63 22.68 -7.28 9.17
C SER A 63 23.80 -8.31 9.10
N GLY A 64 24.86 -8.16 9.89
CA GLY A 64 25.92 -9.14 9.86
C GLY A 64 25.62 -10.48 10.49
N LEU A 65 24.51 -10.62 11.23
CA LEU A 65 24.09 -11.95 11.63
C LEU A 65 23.64 -12.67 10.37
N GLY A 66 23.97 -13.96 10.27
CA GLY A 66 23.67 -14.69 9.05
C GLY A 66 22.20 -14.61 8.67
N LEU A 67 21.32 -14.72 9.66
CA LEU A 67 19.89 -14.63 9.46
C LEU A 67 19.31 -13.79 10.59
N ILE A 68 18.48 -12.80 10.22
CA ILE A 68 17.66 -12.05 11.18
C ILE A 68 16.27 -12.64 11.14
N ILE A 69 15.72 -12.91 12.33
CA ILE A 69 14.30 -13.16 12.53
C ILE A 69 13.74 -11.95 13.28
N THR A 70 12.70 -11.38 12.73
CA THR A 70 12.17 -10.16 13.34
C THR A 70 11.48 -10.40 14.66
N GLU A 71 11.31 -9.28 15.36
CA GLU A 71 10.42 -9.28 16.52
C GLU A 71 9.07 -9.85 16.09
N ALA A 72 8.36 -10.40 17.06
CA ALA A 72 7.04 -10.94 16.75
C ALA A 72 6.18 -9.85 16.12
N THR A 73 5.38 -10.27 15.16
CA THR A 73 4.61 -9.26 14.43
C THR A 73 3.20 -9.78 14.30
N GLN A 74 2.24 -9.07 14.89
CA GLN A 74 0.87 -9.60 14.95
C GLN A 74 0.21 -9.59 13.59
N ILE A 75 -0.51 -10.68 13.31
CA ILE A 75 -1.24 -10.86 12.07
C ILE A 75 -2.59 -10.19 12.08
N SER A 76 -3.01 -9.59 13.20
CA SER A 76 -4.28 -8.90 13.37
C SER A 76 -4.20 -8.12 14.67
N GLN A 77 -5.08 -7.13 14.82
CA GLN A 77 -5.17 -6.47 16.12
C GLN A 77 -5.58 -7.47 17.19
N GLN A 78 -6.49 -8.40 16.85
CA GLN A 78 -6.86 -9.49 17.75
C GLN A 78 -5.65 -10.27 18.25
N GLY A 79 -4.60 -10.38 17.44
CA GLY A 79 -3.40 -11.08 17.85
C GLY A 79 -2.35 -10.28 18.60
N MET A 80 -2.60 -9.01 18.95
CA MET A 80 -1.64 -8.25 19.75
C MET A 80 -1.96 -8.32 21.24
N GLY A 81 -0.89 -8.27 22.05
CA GLY A 81 -1.05 -8.13 23.50
C GLY A 81 -0.11 -7.20 24.24
N TYR A 82 0.67 -6.38 23.53
CA TYR A 82 1.67 -5.51 24.13
C TYR A 82 1.69 -4.20 23.34
N PRO A 83 1.99 -3.08 23.97
CA PRO A 83 1.90 -1.80 23.26
C PRO A 83 2.98 -1.67 22.19
N ASP A 84 2.62 -1.00 21.09
CA ASP A 84 3.58 -0.60 20.03
C ASP A 84 4.38 -1.77 19.42
N THR A 85 3.78 -2.93 19.30
CA THR A 85 4.44 -3.94 18.49
C THR A 85 4.00 -3.80 17.03
N PRO A 86 4.84 -4.09 16.05
CA PRO A 86 4.43 -3.88 14.66
C PRO A 86 3.46 -4.94 14.15
N GLY A 87 2.64 -4.53 13.18
CA GLY A 87 1.71 -5.42 12.50
C GLY A 87 2.13 -5.69 11.06
N ILE A 88 1.41 -6.62 10.45
CA ILE A 88 1.62 -6.97 9.05
C ILE A 88 0.27 -7.26 8.40
N TYR A 89 -0.76 -6.53 8.82
CA TYR A 89 -2.12 -6.77 8.31
C TYR A 89 -2.72 -5.59 7.53
N THR A 90 -2.02 -4.47 7.38
CA THR A 90 -2.45 -3.32 6.60
C THR A 90 -1.35 -2.96 5.59
N ASP A 91 -1.74 -2.24 4.53
CA ASP A 91 -0.73 -1.79 3.57
C ASP A 91 0.20 -0.76 4.17
N GLU A 92 -0.29 0.06 5.11
CA GLU A 92 0.58 1.04 5.75
C GLU A 92 1.72 0.35 6.48
N GLN A 93 1.40 -0.74 7.19
CA GLN A 93 2.42 -1.55 7.85
C GLN A 93 3.39 -2.17 6.86
N VAL A 94 2.86 -2.78 5.79
CA VAL A 94 3.75 -3.37 4.77
C VAL A 94 4.72 -2.32 4.26
N ASP A 95 4.21 -1.12 3.94
CA ASP A 95 5.11 -0.09 3.43
C ASP A 95 6.21 0.27 4.43
N GLY A 96 5.90 0.24 5.74
CA GLY A 96 6.96 0.52 6.71
C GLY A 96 8.00 -0.58 6.77
N TRP A 97 7.54 -1.83 6.73
CA TRP A 97 8.46 -2.97 6.67
C TRP A 97 9.37 -2.90 5.45
N ARG A 98 8.86 -2.37 4.32
CA ARG A 98 9.70 -2.30 3.11
C ARG A 98 11.01 -1.57 3.38
N MET A 99 11.00 -0.54 4.23
CA MET A 99 12.26 0.12 4.57
C MET A 99 13.19 -0.85 5.27
N VAL A 100 12.64 -1.68 6.16
CA VAL A 100 13.42 -2.63 6.94
C VAL A 100 14.11 -3.63 6.03
N THR A 101 13.33 -4.28 5.15
CA THR A 101 13.91 -5.33 4.31
C THR A 101 14.87 -4.72 3.29
N GLU A 102 14.54 -3.53 2.77
CA GLU A 102 15.43 -2.82 1.84
C GLU A 102 16.78 -2.54 2.48
N ALA A 103 16.76 -1.96 3.70
CA ALA A 103 18.01 -1.65 4.37
C ALA A 103 18.83 -2.91 4.67
N VAL A 104 18.17 -3.95 5.18
CA VAL A 104 18.86 -5.21 5.47
C VAL A 104 19.46 -5.77 4.20
N HIS A 105 18.69 -5.78 3.12
CA HIS A 105 19.19 -6.40 1.87
C HIS A 105 20.28 -5.58 1.20
N ARG A 106 20.26 -4.25 1.40
CA ARG A 106 21.33 -3.40 0.83
C ARG A 106 22.63 -3.69 1.59
N ARG A 107 22.51 -4.18 2.84
CA ARG A 107 23.71 -4.57 3.62
C ARG A 107 24.01 -6.05 3.42
N GLU A 108 23.33 -6.69 2.48
CA GLU A 108 23.60 -8.09 2.10
C GLU A 108 23.26 -9.05 3.22
N GLY A 109 22.19 -8.72 3.96
CA GLY A 109 21.67 -9.60 4.98
C GLY A 109 20.45 -10.36 4.49
N CYS A 110 19.86 -11.12 5.41
CA CYS A 110 18.79 -12.05 5.15
C CYS A 110 17.83 -11.95 6.32
N ILE A 111 16.53 -11.89 6.07
CA ILE A 111 15.59 -11.54 7.14
C ILE A 111 14.27 -12.27 6.92
N PHE A 112 13.79 -12.95 7.98
CA PHE A 112 12.48 -13.58 8.03
C PHE A 112 11.54 -12.81 8.99
N LEU A 113 10.27 -12.68 8.64
CA LEU A 113 9.28 -12.10 9.56
C LEU A 113 8.65 -13.19 10.43
N GLN A 114 8.62 -12.95 11.75
CA GLN A 114 7.97 -13.87 12.68
C GLN A 114 6.51 -13.47 12.85
N LEU A 115 5.59 -14.38 12.46
CA LEU A 115 4.13 -14.11 12.45
C LEU A 115 3.51 -14.50 13.78
N TRP A 116 2.75 -13.57 14.36
CA TRP A 116 2.38 -13.63 15.78
C TRP A 116 0.87 -13.59 15.97
N HIS A 117 0.40 -14.34 16.96
CA HIS A 117 -0.93 -14.14 17.55
C HIS A 117 -0.81 -14.46 19.03
N VAL A 118 -1.11 -13.48 19.89
CA VAL A 118 -0.83 -13.70 21.31
C VAL A 118 -1.84 -14.61 21.98
N GLY A 119 -2.95 -14.94 21.31
CA GLY A 119 -3.96 -15.74 21.97
C GLY A 119 -4.42 -15.05 23.24
N ARG A 120 -4.45 -15.79 24.34
CA ARG A 120 -4.96 -15.25 25.60
C ARG A 120 -4.00 -14.29 26.27
N VAL A 121 -2.77 -14.16 25.79
CA VAL A 121 -1.80 -13.32 26.48
C VAL A 121 -2.01 -11.90 25.98
N SER A 122 -3.16 -11.33 26.30
CA SER A 122 -3.57 -10.00 25.84
C SER A 122 -4.54 -9.41 26.86
N HIS A 123 -5.12 -8.26 26.51
CA HIS A 123 -6.13 -7.62 27.33
C HIS A 123 -7.18 -6.99 26.43
N SER A 124 -8.43 -6.95 26.91
CA SER A 124 -9.52 -6.40 26.10
C SER A 124 -9.21 -4.98 25.65
N SER A 125 -8.42 -4.24 26.43
CA SER A 125 -8.05 -2.86 26.08
C SER A 125 -7.19 -2.79 24.82
N PHE A 126 -6.59 -3.91 24.39
CA PHE A 126 -5.86 -3.96 23.12
C PHE A 126 -6.72 -4.38 21.94
N GLN A 127 -7.88 -4.99 22.20
CA GLN A 127 -8.67 -5.77 21.27
C GLN A 127 -9.70 -4.88 20.57
N PRO A 128 -10.10 -5.24 19.35
CA PRO A 128 -11.10 -4.43 18.66
C PRO A 128 -12.41 -4.46 19.44
N ASN A 129 -13.00 -3.27 19.62
CA ASN A 129 -14.30 -3.13 20.26
C ASN A 129 -14.30 -3.57 21.72
N GLY A 130 -13.14 -3.57 22.36
CA GLY A 130 -13.04 -4.04 23.73
C GLY A 130 -13.37 -5.50 23.93
N GLN A 131 -13.29 -6.30 22.87
CA GLN A 131 -13.56 -7.74 22.91
C GLN A 131 -12.52 -8.46 23.76
N LEU A 132 -12.91 -9.63 24.28
CA LEU A 132 -11.96 -10.40 25.04
C LEU A 132 -10.90 -10.99 24.13
N PRO A 133 -9.67 -11.16 24.63
CA PRO A 133 -8.71 -12.00 23.91
C PRO A 133 -9.30 -13.37 23.61
N VAL A 134 -8.83 -13.99 22.54
CA VAL A 134 -9.32 -15.29 22.13
C VAL A 134 -8.26 -16.34 22.41
N ALA A 135 -8.72 -17.56 22.62
CA ALA A 135 -7.87 -18.66 23.03
C ALA A 135 -8.61 -19.95 22.72
N PRO A 136 -7.92 -21.10 22.80
CA PRO A 136 -8.65 -22.36 22.59
C PRO A 136 -9.68 -22.62 23.67
N SER A 137 -9.35 -22.30 24.92
CA SER A 137 -10.24 -22.58 26.03
C SER A 137 -10.28 -21.36 26.93
N ALA A 138 -11.38 -21.22 27.68
CA ALA A 138 -11.57 -20.05 28.54
C ALA A 138 -10.87 -20.26 29.89
N ILE A 139 -9.53 -20.25 29.84
CA ILE A 139 -8.67 -20.26 31.02
C ILE A 139 -7.82 -18.99 30.98
N ALA A 140 -7.87 -18.20 32.04
CA ALA A 140 -6.97 -17.06 32.12
C ALA A 140 -5.56 -17.53 32.49
N PRO A 141 -4.45 -16.87 32.04
CA PRO A 141 -3.11 -17.23 32.52
C PRO A 141 -2.85 -16.52 33.86
N GLU A 142 -2.25 -17.23 34.82
CA GLU A 142 -1.92 -16.62 36.13
C GLU A 142 -0.85 -15.55 35.91
N GLY A 143 -1.12 -14.32 36.36
CA GLY A 143 -0.14 -13.21 36.21
C GLY A 143 -0.83 -11.88 35.99
N GLU A 144 -0.07 -10.86 35.59
CA GLU A 144 -0.66 -9.52 35.33
C GLU A 144 -0.20 -9.03 33.95
N VAL A 145 -0.98 -8.17 33.29
CA VAL A 145 -0.69 -7.74 31.93
C VAL A 145 -0.64 -6.21 31.91
N MET A 146 0.38 -5.64 31.28
CA MET A 146 0.48 -4.19 31.06
C MET A 146 -0.51 -3.73 30.00
N THR A 147 -1.26 -2.67 30.34
CA THR A 147 -2.21 -2.10 29.41
C THR A 147 -1.99 -0.60 29.31
N TYR A 148 -2.65 0.01 28.33
CA TYR A 148 -2.53 1.45 28.11
C TYR A 148 -2.85 2.22 29.36
N ASP A 149 -3.63 1.62 30.26
CA ASP A 149 -4.15 2.32 31.43
C ASP A 149 -3.57 1.72 32.71
N GLY A 150 -2.42 1.04 32.59
CA GLY A 150 -1.69 0.50 33.72
C GLY A 150 -1.69 -1.01 33.75
N ILE A 151 -1.01 -1.55 34.77
CA ILE A 151 -1.02 -2.99 35.00
C ILE A 151 -2.43 -3.42 35.42
N LYS A 152 -2.83 -4.62 34.98
CA LYS A 152 -4.15 -5.14 35.25
C LYS A 152 -4.07 -6.65 35.32
N PRO A 153 -5.00 -7.32 35.99
CA PRO A 153 -5.02 -8.78 35.99
C PRO A 153 -5.55 -9.31 34.67
N PHE A 154 -5.17 -10.55 34.35
CA PHE A 154 -5.60 -11.15 33.10
C PHE A 154 -7.08 -11.46 33.16
N GLU A 155 -7.75 -11.25 32.03
CA GLU A 155 -9.14 -11.62 31.86
C GLU A 155 -9.24 -13.08 31.44
N THR A 156 -10.35 -13.70 31.79
CA THR A 156 -10.67 -14.99 31.22
C THR A 156 -10.88 -14.80 29.71
N PRO A 157 -10.17 -15.52 28.85
CA PRO A 157 -10.34 -15.32 27.41
C PRO A 157 -11.64 -15.93 26.93
N ARG A 158 -12.01 -15.58 25.69
CA ARG A 158 -13.10 -16.25 25.00
C ARG A 158 -12.54 -17.45 24.28
N ALA A 159 -13.16 -18.61 24.46
CA ALA A 159 -12.77 -19.81 23.73
C ALA A 159 -13.29 -19.72 22.30
N LEU A 160 -12.41 -20.03 21.34
CA LEU A 160 -12.73 -19.87 19.92
C LEU A 160 -13.71 -20.95 19.45
N GLU A 161 -14.64 -20.54 18.59
CA GLU A 161 -15.58 -21.47 18.00
C GLU A 161 -14.88 -22.23 16.87
N THR A 162 -15.40 -23.43 16.59
CA THR A 162 -14.81 -24.26 15.54
C THR A 162 -14.71 -23.50 14.22
N GLU A 163 -15.68 -22.63 13.95
CA GLU A 163 -15.75 -21.95 12.66
C GLU A 163 -14.74 -20.83 12.56
N GLU A 164 -14.23 -20.37 13.69
CA GLU A 164 -13.33 -19.24 13.76
C GLU A 164 -11.87 -19.64 13.64
N VAL A 165 -11.55 -20.93 13.71
CA VAL A 165 -10.15 -21.35 13.53
C VAL A 165 -9.71 -21.07 12.10
N ALA A 166 -10.53 -21.46 11.11
CA ALA A 166 -10.17 -21.21 9.73
C ALA A 166 -10.00 -19.73 9.45
N HIS A 167 -10.71 -18.89 10.21
CA HIS A 167 -10.61 -17.44 10.08
C HIS A 167 -9.21 -16.98 10.47
N ILE A 168 -8.70 -17.51 11.57
CA ILE A 168 -7.37 -17.14 12.06
C ILE A 168 -6.29 -17.73 11.17
N VAL A 169 -6.50 -18.95 10.66
CA VAL A 169 -5.57 -19.49 9.67
C VAL A 169 -5.50 -18.56 8.48
N GLU A 170 -6.65 -18.06 8.04
CA GLU A 170 -6.65 -17.15 6.90
C GLU A 170 -5.92 -15.85 7.23
N ASP A 171 -6.00 -15.38 8.48
CA ASP A 171 -5.20 -14.23 8.89
C ASP A 171 -3.71 -14.50 8.73
N TYR A 172 -3.26 -15.72 9.03
CA TYR A 172 -1.86 -16.07 8.79
C TYR A 172 -1.55 -16.02 7.31
N ARG A 173 -2.48 -16.49 6.47
CA ARG A 173 -2.18 -16.54 5.04
C ARG A 173 -2.05 -15.13 4.49
N LYS A 174 -2.96 -14.23 4.89
CA LYS A 174 -2.89 -12.84 4.44
C LYS A 174 -1.64 -12.16 4.98
N ALA A 175 -1.25 -12.52 6.20
CA ALA A 175 -0.02 -11.94 6.74
C ALA A 175 1.20 -12.39 5.92
N ALA A 176 1.19 -13.65 5.46
CA ALA A 176 2.29 -14.17 4.64
C ALA A 176 2.36 -13.46 3.29
N ILE A 177 1.19 -13.24 2.66
CA ILE A 177 1.10 -12.44 1.44
C ILE A 177 1.71 -11.07 1.67
N ASN A 178 1.35 -10.44 2.78
CA ASN A 178 1.85 -9.12 3.07
C ASN A 178 3.35 -9.15 3.34
N ALA A 179 3.83 -10.20 4.04
CA ALA A 179 5.27 -10.34 4.27
C ALA A 179 6.02 -10.46 2.95
N LYS A 180 5.49 -11.26 2.03
CA LYS A 180 6.15 -11.41 0.73
C LYS A 180 6.20 -10.07 0.00
N ARG A 181 5.08 -9.33 0.02
CA ARG A 181 5.07 -8.01 -0.61
C ARG A 181 6.05 -7.04 0.03
N ALA A 182 6.19 -7.08 1.36
CA ALA A 182 7.14 -6.23 2.06
C ALA A 182 8.60 -6.61 1.77
N GLY A 183 8.84 -7.77 1.16
CA GLY A 183 10.17 -8.14 0.70
C GLY A 183 10.95 -9.05 1.64
N PHE A 184 10.30 -9.69 2.60
CA PHE A 184 10.98 -10.66 3.46
C PHE A 184 11.38 -11.91 2.69
N ASP A 185 12.56 -12.41 3.04
CA ASP A 185 13.06 -13.67 2.46
C ASP A 185 12.22 -14.87 2.88
N GLY A 186 11.69 -14.88 4.09
CA GLY A 186 10.84 -15.96 4.55
C GLY A 186 10.05 -15.51 5.75
N ILE A 187 9.33 -16.46 6.35
CA ILE A 187 8.52 -16.17 7.52
C ILE A 187 8.74 -17.24 8.57
N GLU A 188 8.58 -16.85 9.83
CA GLU A 188 8.64 -17.78 10.95
C GLU A 188 7.32 -17.80 11.71
N ILE A 189 6.72 -18.96 11.84
CA ILE A 189 5.48 -19.10 12.59
C ILE A 189 5.82 -19.17 14.08
N HIS A 190 5.31 -18.22 14.86
CA HIS A 190 5.60 -18.23 16.30
C HIS A 190 4.70 -19.31 16.90
N SER A 191 5.30 -20.40 17.38
CA SER A 191 4.48 -21.46 17.99
C SER A 191 4.99 -21.78 19.39
N ALA A 192 5.52 -20.76 20.08
CA ALA A 192 6.20 -20.95 21.34
C ALA A 192 5.64 -19.99 22.38
N ASN A 193 6.20 -20.07 23.60
CA ASN A 193 6.15 -19.04 24.63
C ASN A 193 4.74 -18.62 25.03
N GLY A 194 3.79 -19.54 24.93
CA GLY A 194 2.50 -19.38 25.57
C GLY A 194 1.45 -18.65 24.76
N TYR A 195 1.76 -18.27 23.52
CA TYR A 195 0.79 -17.53 22.72
C TYR A 195 -0.16 -18.52 22.04
N LEU A 196 -1.01 -18.03 21.12
CA LEU A 196 -2.17 -18.81 20.66
C LEU A 196 -1.83 -20.24 20.24
N LEU A 197 -0.83 -20.40 19.38
CA LEU A 197 -0.53 -21.73 18.83
C LEU A 197 0.01 -22.66 19.90
N HIS A 198 0.83 -22.13 20.82
CA HIS A 198 1.30 -22.93 21.94
C HIS A 198 0.16 -23.29 22.87
N GLU A 199 -0.80 -22.37 23.06
CA GLU A 199 -1.96 -22.68 23.90
C GLU A 199 -2.76 -23.84 23.34
N PHE A 200 -2.86 -23.94 22.02
CA PHE A 200 -3.55 -25.05 21.39
C PHE A 200 -2.79 -26.36 21.54
N LEU A 201 -1.45 -26.30 21.64
CA LEU A 201 -0.65 -27.51 21.67
C LEU A 201 -0.76 -28.23 23.02
N GLU A 202 -0.85 -27.48 24.11
CA GLU A 202 -0.72 -28.05 25.44
C GLU A 202 -2.11 -28.21 26.07
N ASP A 203 -2.23 -29.23 26.92
CA ASP A 203 -3.50 -29.58 27.53
C ASP A 203 -3.74 -28.91 28.89
N GLY A 204 -2.73 -28.23 29.44
CA GLY A 204 -3.04 -27.27 30.48
C GLY A 204 -3.83 -26.09 29.97
N THR A 205 -3.68 -25.79 28.68
CA THR A 205 -4.40 -24.72 28.03
C THR A 205 -5.33 -25.18 26.96
N ASN A 206 -5.14 -26.32 26.35
CA ASN A 206 -6.11 -26.72 25.37
C ASN A 206 -7.22 -27.32 26.23
N LYS A 207 -8.47 -26.91 26.10
CA LYS A 207 -9.37 -27.87 26.68
C LYS A 207 -10.57 -28.12 25.83
N ARG A 208 -10.35 -28.25 24.53
CA ARG A 208 -11.46 -28.41 23.63
C ARG A 208 -11.86 -29.87 23.48
N THR A 209 -13.13 -30.07 23.13
CA THR A 209 -13.66 -31.38 22.80
C THR A 209 -13.90 -31.56 21.30
N ASP A 210 -13.67 -30.53 20.48
CA ASP A 210 -13.77 -30.69 19.05
C ASP A 210 -12.43 -31.17 18.49
N ARG A 211 -12.32 -31.21 17.16
CA ARG A 211 -11.15 -31.79 16.52
C ARG A 211 -9.86 -31.00 16.75
N TYR A 212 -9.94 -29.82 17.35
CA TYR A 212 -8.74 -29.06 17.71
C TYR A 212 -8.33 -29.36 19.15
N GLY A 213 -8.97 -30.34 19.79
CA GLY A 213 -8.68 -30.67 21.17
C GLY A 213 -8.67 -32.17 21.39
N GLY A 214 -8.14 -32.56 22.54
CA GLY A 214 -8.02 -33.96 22.91
C GLY A 214 -6.79 -34.65 22.34
N SER A 215 -6.95 -35.29 21.18
CA SER A 215 -5.84 -35.95 20.50
C SER A 215 -4.62 -35.06 20.43
N ILE A 216 -3.44 -35.65 20.59
CA ILE A 216 -2.21 -34.94 20.24
C ILE A 216 -2.23 -34.53 18.77
N GLU A 217 -2.83 -35.36 17.92
CA GLU A 217 -3.03 -34.90 16.56
C GLU A 217 -4.18 -33.90 16.46
N ASN A 218 -5.03 -33.81 17.47
CA ASN A 218 -6.03 -32.75 17.44
C ASN A 218 -5.44 -31.43 17.95
N ARG A 219 -4.60 -31.49 18.98
CA ARG A 219 -4.02 -30.28 19.53
C ARG A 219 -2.98 -29.65 18.62
N ALA A 220 -2.36 -30.43 17.71
CA ALA A 220 -1.43 -29.88 16.74
C ALA A 220 -2.11 -29.48 15.44
N ARG A 221 -3.39 -29.81 15.28
CA ARG A 221 -4.03 -29.63 13.98
C ARG A 221 -3.92 -28.19 13.50
N ILE A 222 -4.09 -27.22 14.40
CA ILE A 222 -4.08 -25.83 13.96
C ILE A 222 -2.70 -25.47 13.42
N VAL A 223 -1.64 -25.96 14.06
CA VAL A 223 -0.29 -25.61 13.62
C VAL A 223 -0.06 -26.09 12.20
N PHE A 224 -0.57 -27.28 11.87
CA PHE A 224 -0.39 -27.82 10.53
C PHE A 224 -1.36 -27.19 9.54
N GLU A 225 -2.49 -26.67 10.00
CA GLU A 225 -3.36 -25.87 9.14
C GLU A 225 -2.73 -24.51 8.83
N VAL A 226 -2.02 -23.91 9.79
CA VAL A 226 -1.32 -22.66 9.49
C VAL A 226 -0.23 -22.91 8.47
N LEU A 227 0.54 -23.98 8.67
CA LEU A 227 1.64 -24.28 7.76
C LEU A 227 1.12 -24.50 6.35
N ASP A 228 -0.01 -25.20 6.23
CA ASP A 228 -0.63 -25.42 4.93
C ASP A 228 -0.97 -24.10 4.26
N ALA A 229 -1.50 -23.15 5.05
CA ALA A 229 -1.99 -21.92 4.45
C ALA A 229 -0.82 -21.04 4.01
N VAL A 230 0.20 -20.90 4.86
CA VAL A 230 1.30 -20.03 4.48
C VAL A 230 2.17 -20.66 3.39
N CYS A 231 2.20 -21.99 3.31
CA CYS A 231 2.97 -22.64 2.28
C CYS A 231 2.28 -22.57 0.92
N LYS A 232 1.10 -21.97 0.86
CA LYS A 232 0.50 -21.57 -0.41
C LYS A 232 1.00 -20.20 -0.85
N VAL A 233 1.75 -19.50 0.00
CA VAL A 233 2.25 -18.16 -0.29
C VAL A 233 3.75 -18.19 -0.51
N TYR A 234 4.50 -18.79 0.42
CA TYR A 234 5.92 -19.01 0.36
C TYR A 234 6.17 -20.49 0.07
N PRO A 235 7.21 -20.82 -0.69
CA PRO A 235 7.65 -22.22 -0.72
C PRO A 235 7.97 -22.68 0.69
N SER A 236 7.69 -23.95 0.98
CA SER A 236 7.87 -24.43 2.34
C SER A 236 9.29 -24.20 2.83
N ARG A 237 10.28 -24.25 1.92
CA ARG A 237 11.69 -24.05 2.30
C ARG A 237 11.99 -22.59 2.66
N ARG A 238 10.98 -21.73 2.66
CA ARG A 238 11.13 -20.36 3.16
C ARG A 238 10.21 -20.11 4.33
N VAL A 239 9.61 -21.16 4.91
CA VAL A 239 8.75 -21.05 6.08
C VAL A 239 9.43 -21.81 7.21
N GLY A 240 9.72 -21.11 8.32
CA GLY A 240 10.25 -21.72 9.51
C GLY A 240 9.18 -21.75 10.60
N ILE A 241 9.47 -22.49 11.67
CA ILE A 241 8.58 -22.54 12.83
C ILE A 241 9.40 -22.60 14.12
N ARG A 242 8.88 -21.96 15.17
CA ARG A 242 9.57 -21.86 16.46
C ARG A 242 8.75 -22.53 17.56
N LEU A 243 9.40 -23.35 18.38
CA LEU A 243 8.75 -24.05 19.48
C LEU A 243 9.54 -23.87 20.77
N SER A 244 8.82 -23.94 21.89
CA SER A 244 9.39 -23.94 23.24
C SER A 244 8.96 -25.24 23.90
N PRO A 245 9.76 -26.31 23.75
CA PRO A 245 9.28 -27.65 24.15
C PRO A 245 8.97 -27.81 25.64
N ASP A 246 9.55 -27.00 26.51
CA ASP A 246 9.42 -27.24 27.96
C ASP A 246 9.70 -25.93 28.67
N THR A 247 8.66 -25.12 28.82
CA THR A 247 8.72 -23.84 29.52
C THR A 247 7.44 -23.64 30.29
N GLU A 248 7.55 -22.97 31.44
CA GLU A 248 6.39 -22.65 32.26
C GLU A 248 5.84 -21.26 31.94
N PHE A 249 6.40 -20.62 30.90
CA PHE A 249 6.12 -19.23 30.60
C PHE A 249 4.66 -19.04 30.24
N MET A 250 4.04 -18.03 30.83
CA MET A 250 2.66 -17.66 30.56
C MET A 250 1.73 -18.84 30.88
N SER A 251 1.97 -19.45 32.05
CA SER A 251 1.07 -20.47 32.60
C SER A 251 0.87 -21.66 31.67
N MET A 252 1.91 -22.07 30.98
CA MET A 252 1.80 -23.23 30.10
C MET A 252 2.11 -24.52 30.84
N SER A 253 1.46 -25.60 30.38
CA SER A 253 1.56 -26.89 31.04
C SER A 253 0.86 -27.94 30.17
N ASP A 254 1.52 -29.08 30.00
CA ASP A 254 1.01 -30.18 29.20
C ASP A 254 1.17 -31.47 29.98
N SER A 255 0.32 -32.46 29.68
CA SER A 255 0.32 -33.68 30.48
C SER A 255 1.47 -34.61 30.13
N ASP A 256 2.04 -34.51 28.92
CA ASP A 256 3.07 -35.41 28.41
C ASP A 256 3.92 -34.66 27.37
N ARG A 257 4.65 -33.65 27.83
CA ARG A 257 5.44 -32.85 26.91
C ARG A 257 6.39 -33.68 26.06
N PRO A 258 7.08 -34.70 26.60
CA PRO A 258 7.86 -35.57 25.72
C PRO A 258 7.05 -36.20 24.60
N ALA A 259 5.84 -36.67 24.89
CA ALA A 259 5.03 -37.27 23.85
C ALA A 259 4.60 -36.22 22.82
N LEU A 260 4.10 -35.08 23.31
CA LEU A 260 3.51 -34.08 22.43
C LEU A 260 4.48 -33.64 21.34
N TYR A 261 5.70 -33.29 21.73
CA TYR A 261 6.62 -32.64 20.80
C TYR A 261 7.40 -33.65 19.96
N SER A 262 7.64 -34.85 20.47
CA SER A 262 8.20 -35.92 19.63
C SER A 262 7.40 -36.07 18.34
N TYR A 263 6.08 -36.18 18.46
CA TYR A 263 5.21 -36.28 17.29
C TYR A 263 5.30 -35.02 16.43
N LEU A 264 5.03 -33.86 17.03
CA LEU A 264 5.04 -32.61 16.30
C LEU A 264 6.32 -32.43 15.49
N VAL A 265 7.48 -32.61 16.15
CA VAL A 265 8.75 -32.41 15.46
C VAL A 265 8.94 -33.45 14.37
N GLN A 266 8.56 -34.70 14.65
CA GLN A 266 8.63 -35.73 13.63
C GLN A 266 7.66 -35.43 12.49
N GLU A 267 6.47 -34.94 12.82
CA GLU A 267 5.52 -34.54 11.78
C GLU A 267 6.04 -33.34 11.00
N LEU A 268 6.69 -32.41 11.72
CA LEU A 268 7.28 -31.24 11.08
C LEU A 268 8.38 -31.63 10.10
N SER A 269 9.20 -32.62 10.48
CA SER A 269 10.38 -32.97 9.68
C SER A 269 10.00 -33.41 8.28
N ARG A 270 8.82 -33.97 8.09
CA ARG A 270 8.38 -34.35 6.75
C ARG A 270 7.69 -33.23 5.98
N ARG A 271 7.59 -32.03 6.57
CA ARG A 271 6.94 -30.91 5.90
C ARG A 271 7.92 -30.12 5.03
N GLU A 272 9.21 -30.44 5.05
CA GLU A 272 10.18 -29.76 4.18
C GLU A 272 10.14 -28.25 4.40
N LEU A 273 10.23 -27.85 5.67
CA LEU A 273 10.23 -26.45 6.03
C LEU A 273 11.67 -25.87 5.95
N ALA A 274 11.75 -24.54 5.98
CA ALA A 274 13.07 -23.90 6.00
C ALA A 274 13.90 -24.39 7.17
N TYR A 275 13.29 -24.55 8.34
CA TYR A 275 14.04 -24.88 9.53
C TYR A 275 13.07 -25.07 10.69
N LEU A 276 13.56 -25.75 11.72
CA LEU A 276 12.94 -25.85 13.03
C LEU A 276 13.77 -25.07 14.04
N HIS A 277 13.11 -24.22 14.81
CA HIS A 277 13.76 -23.28 15.74
C HIS A 277 13.35 -23.65 17.16
N LEU A 278 14.29 -24.15 17.96
CA LEU A 278 13.96 -24.64 19.30
C LEU A 278 14.56 -23.74 20.38
N ILE A 279 13.73 -23.41 21.36
CA ILE A 279 14.15 -22.62 22.52
C ILE A 279 14.54 -23.60 23.64
N GLU A 280 15.69 -23.36 24.26
CA GLU A 280 16.18 -24.22 25.33
C GLU A 280 15.30 -24.07 26.58
N PRO A 281 15.05 -25.17 27.31
CA PRO A 281 14.21 -25.06 28.52
C PRO A 281 14.77 -24.16 29.58
N ARG A 282 16.07 -23.85 29.54
CA ARG A 282 16.70 -22.94 30.49
C ARG A 282 16.32 -21.49 30.26
N ILE A 283 15.43 -21.20 29.32
CA ILE A 283 14.89 -19.86 29.10
C ILE A 283 13.40 -19.89 29.43
N LYS A 284 12.94 -18.88 30.18
CA LYS A 284 11.54 -18.73 30.50
C LYS A 284 11.02 -17.45 29.86
N GLY A 285 10.82 -17.51 28.54
CA GLY A 285 10.37 -16.37 27.76
C GLY A 285 11.45 -15.37 27.43
N ASN A 286 11.84 -14.56 28.42
CA ASN A 286 12.79 -13.47 28.20
C ASN A 286 13.80 -13.36 29.32
N VAL A 287 13.92 -14.39 30.15
CA VAL A 287 14.77 -14.39 31.32
C VAL A 287 15.28 -15.80 31.54
N ASP A 288 16.43 -15.92 32.19
CA ASP A 288 16.94 -17.29 32.42
C ASP A 288 16.27 -17.95 33.61
N VAL A 289 16.20 -19.28 33.58
CA VAL A 289 15.54 -20.03 34.68
C VAL A 289 16.33 -21.30 34.95
N GLU A 290 16.44 -21.63 36.23
CA GLU A 290 17.19 -22.84 36.62
C GLU A 290 16.20 -23.97 36.45
N LYS A 291 16.42 -24.81 35.47
CA LYS A 291 15.40 -25.85 35.20
C LYS A 291 16.05 -27.07 34.57
N GLU A 292 15.96 -28.22 35.22
CA GLU A 292 16.49 -29.40 34.58
C GLU A 292 15.41 -29.99 33.69
N SER A 293 15.83 -30.50 32.54
CA SER A 293 14.89 -31.00 31.54
C SER A 293 15.66 -31.86 30.55
N SER A 294 14.92 -32.79 29.94
CA SER A 294 15.43 -33.65 28.90
C SER A 294 15.03 -33.18 27.52
N LEU A 295 14.05 -32.30 27.41
CA LEU A 295 13.54 -31.83 26.12
C LEU A 295 14.32 -30.58 25.71
N ASN A 296 15.59 -30.79 25.38
CA ASN A 296 16.44 -29.77 24.78
C ASN A 296 16.82 -30.22 23.38
N VAL A 297 17.70 -29.45 22.73
CA VAL A 297 17.95 -29.66 21.30
C VAL A 297 18.63 -31.01 21.05
N GLU A 298 19.49 -31.48 21.96
CA GLU A 298 20.07 -32.81 21.79
C GLU A 298 18.97 -33.85 21.62
N PHE A 299 17.87 -33.68 22.36
CA PHE A 299 16.77 -34.64 22.34
C PHE A 299 16.04 -34.64 21.00
N PHE A 300 15.99 -33.50 20.30
CA PHE A 300 15.21 -33.40 19.05
C PHE A 300 16.04 -33.47 17.78
N ARG A 301 17.36 -33.28 17.85
CA ARG A 301 18.21 -33.49 16.69
C ARG A 301 17.86 -34.77 15.92
N PRO A 302 17.76 -35.94 16.55
CA PRO A 302 17.47 -37.16 15.78
C PRO A 302 16.09 -37.17 15.15
N LEU A 303 15.13 -36.46 15.74
CA LEU A 303 13.72 -36.55 15.37
C LEU A 303 13.33 -35.58 14.28
N TYR A 304 14.25 -34.71 13.86
CA TYR A 304 14.05 -33.72 12.80
C TYR A 304 15.24 -33.79 11.87
N LYS A 305 15.01 -33.95 10.56
CA LYS A 305 16.13 -34.16 9.66
C LYS A 305 16.61 -32.90 8.95
N GLY A 306 15.84 -31.81 9.00
CA GLY A 306 16.19 -30.58 8.31
C GLY A 306 17.06 -29.65 9.16
N VAL A 307 17.03 -28.38 8.78
CA VAL A 307 17.86 -27.36 9.41
C VAL A 307 17.30 -27.03 10.79
N LEU A 308 18.16 -27.05 11.80
CA LEU A 308 17.76 -26.94 13.19
C LEU A 308 18.46 -25.74 13.82
N ILE A 309 17.69 -24.75 14.26
CA ILE A 309 18.22 -23.61 15.00
C ILE A 309 17.99 -23.87 16.48
N THR A 310 19.04 -23.70 17.29
CA THR A 310 18.93 -23.78 18.73
C THR A 310 19.10 -22.39 19.33
N ALA A 311 18.28 -22.09 20.34
CA ALA A 311 18.25 -20.77 20.93
C ALA A 311 18.11 -20.85 22.45
N GLY A 312 18.67 -19.86 23.13
CA GLY A 312 18.40 -19.65 24.54
C GLY A 312 19.53 -19.98 25.49
N GLY A 313 20.14 -18.94 26.06
CA GLY A 313 21.23 -19.08 27.01
C GLY A 313 22.62 -19.25 26.44
N TYR A 314 22.80 -19.18 25.13
CA TYR A 314 24.12 -19.48 24.59
C TYR A 314 25.10 -18.32 24.73
N GLN A 315 26.36 -18.70 24.85
CA GLN A 315 27.49 -17.80 24.77
C GLN A 315 28.30 -18.22 23.54
N LYS A 316 29.46 -17.61 23.36
CA LYS A 316 30.27 -18.03 22.22
C LYS A 316 30.62 -19.52 22.32
N GLU A 317 31.09 -19.95 23.49
CA GLU A 317 31.66 -21.29 23.57
C GLU A 317 30.59 -22.36 23.54
N THR A 318 29.49 -22.14 24.26
CA THR A 318 28.43 -23.13 24.29
C THR A 318 27.72 -23.23 22.94
N GLY A 319 27.48 -22.10 22.28
CA GLY A 319 26.91 -22.15 20.94
C GLY A 319 27.81 -22.87 19.96
N GLU A 320 29.12 -22.58 20.03
CA GLU A 320 30.12 -23.26 19.21
C GLU A 320 30.08 -24.77 19.44
N GLU A 321 29.93 -25.20 20.70
CA GLU A 321 29.93 -26.63 21.00
C GLU A 321 28.72 -27.34 20.40
N ARG A 322 27.54 -26.72 20.43
CA ARG A 322 26.37 -27.32 19.79
C ARG A 322 26.63 -27.62 18.32
N LEU A 323 27.35 -26.73 17.65
CA LEU A 323 27.61 -26.88 16.23
C LEU A 323 28.67 -27.95 15.97
N GLN A 324 29.74 -27.98 16.77
CA GLN A 324 30.77 -29.02 16.62
C GLN A 324 30.19 -30.42 16.80
N LYS A 325 29.39 -30.63 17.85
CA LYS A 325 28.76 -31.92 18.10
C LYS A 325 27.52 -32.15 17.25
N GLN A 326 27.29 -31.30 16.25
CA GLN A 326 26.20 -31.46 15.29
C GLN A 326 24.86 -31.70 15.98
N HIS A 327 24.64 -30.99 17.10
CA HIS A 327 23.35 -31.02 17.78
C HIS A 327 22.37 -30.01 17.19
N ALA A 328 22.88 -29.05 16.42
CA ALA A 328 22.09 -28.09 15.67
C ALA A 328 22.94 -27.60 14.50
N ASP A 329 22.29 -26.89 13.58
CA ASP A 329 23.00 -26.33 12.44
C ASP A 329 23.23 -24.83 12.56
N LEU A 330 22.44 -24.14 13.38
CA LEU A 330 22.48 -22.69 13.48
C LEU A 330 22.21 -22.36 14.93
N VAL A 331 22.83 -21.29 15.43
CA VAL A 331 22.63 -20.85 16.82
C VAL A 331 22.08 -19.43 16.84
N ALA A 332 21.00 -19.22 17.59
CA ALA A 332 20.32 -17.93 17.69
C ALA A 332 20.70 -17.26 18.99
N TYR A 333 21.04 -15.98 18.91
CA TYR A 333 21.38 -15.16 20.05
C TYR A 333 20.40 -14.00 20.11
N GLY A 334 19.72 -13.87 21.27
CA GLY A 334 18.81 -12.76 21.54
C GLY A 334 19.47 -11.59 22.27
N ARG A 335 19.58 -11.65 23.60
CA ARG A 335 20.03 -10.49 24.35
C ARG A 335 21.42 -9.99 23.96
N TRP A 336 22.34 -10.90 23.65
CA TRP A 336 23.65 -10.46 23.19
C TRP A 336 23.54 -9.70 21.87
N VAL A 337 22.56 -10.01 21.02
CA VAL A 337 22.47 -9.26 19.78
C VAL A 337 21.79 -7.91 20.00
N ILE A 338 20.94 -7.78 21.02
CA ILE A 338 20.48 -6.45 21.38
C ILE A 338 21.66 -5.53 21.60
N ALA A 339 22.67 -6.01 22.35
CA ALA A 339 23.76 -5.15 22.78
C ALA A 339 24.95 -5.14 21.83
N ASN A 340 25.06 -6.09 20.89
CA ASN A 340 26.27 -6.25 20.08
C ASN A 340 25.80 -6.44 18.64
N PRO A 341 25.52 -5.35 17.93
CA PRO A 341 25.00 -5.52 16.57
C PRO A 341 25.99 -6.25 15.69
N ASP A 342 27.29 -6.16 16.01
CA ASP A 342 28.32 -6.92 15.32
C ASP A 342 28.80 -8.13 16.11
N LEU A 343 27.88 -8.86 16.77
CA LEU A 343 28.28 -10.05 17.53
C LEU A 343 29.15 -11.02 16.76
N PRO A 344 28.92 -11.32 15.48
CA PRO A 344 29.84 -12.24 14.78
C PRO A 344 31.27 -11.76 14.74
N SER A 345 31.48 -10.46 14.47
CA SER A 345 32.83 -9.90 14.40
C SER A 345 33.49 -9.88 15.79
N ARG A 346 32.71 -9.63 16.84
CA ARG A 346 33.27 -9.69 18.18
C ARG A 346 33.73 -11.08 18.54
N PHE A 347 32.99 -12.09 18.09
CA PHE A 347 33.36 -13.49 18.33
C PHE A 347 34.62 -13.84 17.56
N GLU A 348 34.67 -13.41 16.29
CA GLU A 348 35.82 -13.72 15.43
C GLU A 348 37.09 -13.07 15.94
N GLN A 349 36.97 -11.85 16.46
CA GLN A 349 38.08 -11.05 16.99
C GLN A 349 38.32 -11.30 18.47
N ASN A 350 37.51 -12.13 19.12
CA ASN A 350 37.67 -12.41 20.55
C ASN A 350 37.54 -11.14 21.38
N ALA A 351 36.62 -10.29 20.98
CA ALA A 351 36.46 -8.99 21.59
C ALA A 351 35.47 -9.06 22.75
N PRO A 352 35.55 -8.13 23.70
CA PRO A 352 34.52 -8.04 24.74
C PRO A 352 33.12 -7.85 24.17
N LEU A 353 32.11 -8.33 24.89
CA LEU A 353 30.72 -8.10 24.53
C LEU A 353 30.18 -6.87 25.27
N ASN A 354 29.46 -6.01 24.56
CA ASN A 354 28.71 -4.97 25.27
C ASN A 354 27.71 -5.65 26.19
N PRO A 355 27.57 -5.19 27.43
CA PRO A 355 26.52 -5.73 28.31
C PRO A 355 25.14 -5.24 27.86
N TYR A 356 24.15 -6.11 27.99
CA TYR A 356 22.79 -5.72 27.61
C TYR A 356 22.08 -5.06 28.78
N ASP A 357 21.32 -4.00 28.49
CA ASP A 357 20.58 -3.26 29.53
C ASP A 357 19.09 -3.56 29.43
N ARG A 358 18.58 -4.32 30.41
CA ARG A 358 17.24 -4.88 30.30
C ARG A 358 16.18 -3.79 30.40
N ALA A 359 16.50 -2.67 31.07
CA ALA A 359 15.51 -1.63 31.29
C ALA A 359 15.12 -0.93 29.99
N THR A 360 15.92 -1.09 28.93
CA THR A 360 15.64 -0.52 27.63
C THR A 360 15.30 -1.59 26.59
N PHE A 361 15.03 -2.82 27.03
CA PHE A 361 14.52 -3.82 26.10
C PHE A 361 13.19 -3.39 25.49
N TYR A 362 12.26 -2.89 26.30
CA TYR A 362 10.87 -2.74 25.86
C TYR A 362 10.45 -1.29 25.86
N GLY A 363 10.02 -0.81 24.70
CA GLY A 363 9.53 0.57 24.61
C GLY A 363 10.63 1.58 24.51
N GLY A 364 10.26 2.84 24.31
CA GLY A 364 11.25 3.93 24.29
C GLY A 364 11.70 4.34 22.91
N ASN A 365 12.99 4.66 22.80
CA ASN A 365 13.54 5.20 21.56
C ASN A 365 14.90 4.57 21.26
N GLU A 366 15.81 5.36 20.68
CA GLU A 366 17.13 4.89 20.21
C GLU A 366 17.99 4.40 21.35
N LYS A 367 17.75 4.97 22.53
CA LYS A 367 18.52 4.54 23.71
C LYS A 367 18.28 3.06 23.99
N GLY A 368 19.35 2.32 24.14
CA GLY A 368 19.24 0.87 24.37
C GLY A 368 18.70 0.10 23.17
N TYR A 369 18.80 0.71 22.00
CA TYR A 369 18.23 0.12 20.77
C TYR A 369 19.19 0.26 19.58
N THR A 370 19.49 1.51 19.20
CA THR A 370 20.43 1.71 18.11
C THR A 370 21.70 2.41 18.56
N ASP A 371 21.92 2.59 19.86
CA ASP A 371 23.08 3.32 20.34
C ASP A 371 24.12 2.44 21.02
N TYR A 372 24.03 1.13 20.85
CA TYR A 372 25.07 0.21 21.26
C TYR A 372 26.22 0.27 20.25
N PRO A 373 27.47 0.43 20.69
CA PRO A 373 28.56 0.71 19.75
C PRO A 373 29.03 -0.52 18.99
N PHE A 374 29.71 -0.24 17.89
CA PHE A 374 30.30 -1.23 16.98
C PHE A 374 31.80 -1.28 17.24
N LEU A 375 32.43 -2.39 16.86
CA LEU A 375 33.89 -2.41 16.82
C LEU A 375 34.42 -1.45 15.76
N ASP A 376 33.76 -1.41 14.59
CA ASP A 376 34.23 -0.61 13.47
C ASP A 376 33.18 0.45 13.16
N PRO A 377 33.46 1.74 13.39
CA PRO A 377 32.45 2.78 13.14
C PRO A 377 31.96 2.83 11.69
N ARG A 378 32.71 2.27 10.73
CA ARG A 378 32.22 2.25 9.36
C ARG A 378 30.99 1.36 9.23
N ASP A 379 30.93 0.30 10.04
CA ASP A 379 29.73 -0.55 10.12
C ASP A 379 28.52 0.28 10.50
N SER A 380 28.68 1.15 11.50
CA SER A 380 27.59 2.00 11.95
C SER A 380 27.22 3.01 10.89
N GLN A 381 28.21 3.61 10.23
CA GLN A 381 27.93 4.53 9.14
C GLN A 381 27.11 3.86 8.05
N GLU A 382 27.48 2.65 7.67
CA GLU A 382 26.83 1.99 6.54
C GLU A 382 25.40 1.63 6.87
N ALA A 383 25.14 1.18 8.10
CA ALA A 383 23.78 0.92 8.51
C ALA A 383 22.94 2.20 8.43
N LEU A 384 23.45 3.31 8.97
CA LEU A 384 22.74 4.58 8.85
C LEU A 384 22.49 4.95 7.40
N LYS A 385 23.48 4.76 6.53
CA LYS A 385 23.31 5.20 5.15
C LYS A 385 22.19 4.42 4.47
N GLU A 386 22.08 3.12 4.76
CA GLU A 386 21.04 2.32 4.12
C GLU A 386 19.67 2.55 4.74
N ALA A 387 19.60 2.81 6.04
CA ALA A 387 18.32 3.20 6.62
C ALA A 387 17.78 4.45 5.94
N GLU A 388 18.63 5.43 5.66
CA GLU A 388 18.09 6.66 5.08
C GLU A 388 17.89 6.54 3.58
N ALA A 389 18.74 5.79 2.88
CA ALA A 389 18.43 5.41 1.50
C ALA A 389 17.11 4.64 1.42
N ALA A 390 16.86 3.75 2.38
CA ALA A 390 15.61 2.98 2.37
C ALA A 390 14.41 3.90 2.56
N GLU A 391 14.52 4.86 3.51
CA GLU A 391 13.37 5.74 3.65
C GLU A 391 13.13 6.54 2.38
N ARG A 392 14.18 6.99 1.68
CA ARG A 392 13.96 7.78 0.47
C ARG A 392 13.29 6.93 -0.60
N LYS A 393 13.65 5.65 -0.69
CA LYS A 393 13.04 4.77 -1.69
C LYS A 393 11.55 4.63 -1.44
N TRP A 394 11.16 4.37 -0.20
CA TRP A 394 9.81 3.94 0.14
C TRP A 394 9.02 5.03 0.86
N ARG A 395 9.50 6.27 0.82
CA ARG A 395 8.80 7.38 1.46
C ARG A 395 7.36 7.46 0.96
N ARG A 396 6.44 7.88 1.84
CA ARG A 396 5.03 7.98 1.50
C ARG A 396 4.76 9.38 0.96
N LEU A 397 5.16 9.58 -0.29
CA LEU A 397 5.08 10.87 -0.97
C LEU A 397 3.74 11.57 -0.74
N MET B 17 11.18 30.44 -28.62
CA MET B 17 10.37 31.44 -29.34
C MET B 17 8.91 31.06 -29.18
N LEU B 18 8.60 29.76 -29.06
CA LEU B 18 7.19 29.46 -28.82
C LEU B 18 6.90 29.63 -27.35
N LYS B 19 5.95 30.48 -27.06
CA LYS B 19 5.49 30.57 -25.67
C LYS B 19 4.98 29.23 -25.16
N LEU B 20 4.45 28.39 -26.05
CA LEU B 20 4.05 27.04 -25.66
C LEU B 20 5.19 26.29 -24.98
N LEU B 21 6.44 26.63 -25.32
CA LEU B 21 7.61 25.93 -24.83
C LEU B 21 8.27 26.63 -23.65
N GLU B 22 7.78 27.79 -23.27
CA GLU B 22 8.28 28.50 -22.09
C GLU B 22 7.95 27.72 -20.81
N PRO B 23 8.90 27.51 -19.91
CA PRO B 23 8.57 26.89 -18.61
C PRO B 23 7.62 27.79 -17.83
N PHE B 24 6.80 27.16 -16.97
CA PHE B 24 5.73 27.84 -16.26
C PHE B 24 5.78 27.47 -14.79
N ASP B 25 5.64 28.48 -13.93
CA ASP B 25 5.63 28.27 -12.48
C ASP B 25 4.19 28.15 -11.99
N LEU B 26 3.78 26.93 -11.63
CA LEU B 26 2.42 26.69 -11.16
C LEU B 26 2.42 26.65 -9.64
N ASN B 27 2.57 27.84 -9.07
CA ASN B 27 2.55 28.00 -7.62
C ASN B 27 3.53 27.04 -6.95
N GLY B 28 4.77 27.07 -7.42
CA GLY B 28 5.83 26.24 -6.89
C GLY B 28 6.11 24.99 -7.67
N LEU B 29 5.19 24.58 -8.55
CA LEU B 29 5.42 23.43 -9.42
C LEU B 29 6.09 23.93 -10.69
N GLU B 30 7.30 23.44 -10.98
CA GLU B 30 8.12 23.99 -12.05
C GLU B 30 7.88 23.19 -13.32
N LEU B 31 6.87 23.64 -14.09
CA LEU B 31 6.46 22.92 -15.29
C LEU B 31 7.44 23.20 -16.43
N ALA B 32 7.69 22.16 -17.22
CA ALA B 32 8.73 22.27 -18.24
C ALA B 32 8.34 23.19 -19.38
N ASN B 33 7.05 23.31 -19.64
CA ASN B 33 6.49 24.14 -20.70
C ASN B 33 5.07 24.49 -20.31
N ARG B 34 4.37 25.17 -21.22
CA ARG B 34 2.99 25.62 -21.03
C ARG B 34 2.00 24.66 -21.68
N MET B 35 2.43 23.45 -21.98
CA MET B 35 1.59 22.45 -22.62
C MET B 35 1.11 21.44 -21.59
N VAL B 36 -0.14 21.03 -21.71
CA VAL B 36 -0.76 20.10 -20.77
C VAL B 36 -1.27 18.89 -21.55
N MET B 37 -1.05 17.69 -20.99
CA MET B 37 -1.72 16.48 -21.48
C MET B 37 -3.15 16.48 -20.95
N ALA B 38 -4.11 16.70 -21.85
CA ALA B 38 -5.53 16.63 -21.50
C ALA B 38 -5.90 15.28 -20.88
N PRO B 39 -6.91 15.25 -20.00
CA PRO B 39 -7.35 13.96 -19.44
C PRO B 39 -7.99 13.14 -20.54
N LEU B 40 -7.61 11.85 -20.62
CA LEU B 40 -8.05 11.01 -21.76
C LEU B 40 -8.37 9.59 -21.27
N THR B 41 -9.67 9.28 -21.18
CA THR B 41 -10.12 7.91 -20.98
C THR B 41 -9.58 7.01 -22.09
N ARG B 42 -8.85 5.94 -21.71
CA ARG B 42 -8.31 4.96 -22.65
C ARG B 42 -8.82 3.53 -22.42
N ASN B 43 -9.53 3.28 -21.31
CA ASN B 43 -10.12 1.97 -20.99
C ASN B 43 -9.12 0.83 -21.05
N ARG B 44 -7.97 1.03 -20.40
CA ARG B 44 -6.93 0.01 -20.44
C ARG B 44 -6.47 -0.33 -19.03
N ALA B 45 -7.36 -0.23 -18.04
CA ALA B 45 -7.05 -0.69 -16.69
C ALA B 45 -6.98 -2.22 -16.64
N GLY B 46 -6.17 -2.73 -15.71
CA GLY B 46 -6.10 -4.16 -15.48
C GLY B 46 -7.28 -4.60 -14.63
N PRO B 47 -7.29 -5.85 -14.18
CA PRO B 47 -8.44 -6.34 -13.41
C PRO B 47 -8.66 -5.56 -12.12
N ARG B 48 -9.94 -5.46 -11.73
CA ARG B 48 -10.43 -4.67 -10.60
C ARG B 48 -10.03 -3.20 -10.70
N PHE B 49 -9.86 -2.71 -11.94
CA PHE B 49 -9.67 -1.28 -12.21
C PHE B 49 -8.33 -0.76 -11.69
N VAL B 50 -7.31 -1.60 -11.79
CA VAL B 50 -5.98 -1.33 -11.24
C VAL B 50 -5.06 -0.94 -12.38
N PRO B 51 -4.37 0.20 -12.33
CA PRO B 51 -3.42 0.54 -13.41
C PRO B 51 -2.28 -0.46 -13.54
N THR B 52 -1.70 -0.51 -14.73
CA THR B 52 -0.77 -1.57 -15.11
C THR B 52 0.60 -1.01 -15.50
N LYS B 53 1.59 -1.91 -15.61
CA LYS B 53 2.88 -1.50 -16.14
C LYS B 53 2.74 -0.77 -17.46
N MET B 54 1.89 -1.29 -18.35
CA MET B 54 1.69 -0.62 -19.64
C MET B 54 1.14 0.80 -19.47
N ASN B 55 0.21 0.98 -18.53
CA ASN B 55 -0.26 2.33 -18.21
C ASN B 55 0.88 3.24 -17.76
N ALA B 56 1.77 2.71 -16.91
CA ALA B 56 2.92 3.50 -16.47
C ALA B 56 3.80 3.88 -17.65
N LEU B 57 3.98 2.96 -18.60
CA LEU B 57 4.79 3.27 -19.77
C LEU B 57 4.15 4.42 -20.56
N TYR B 58 2.83 4.32 -20.80
CA TYR B 58 2.10 5.36 -21.52
C TYR B 58 2.28 6.75 -20.92
N TYR B 59 2.11 6.89 -19.60
CA TYR B 59 2.31 8.20 -18.99
C TYR B 59 3.79 8.60 -18.95
N ALA B 60 4.70 7.65 -18.65
CA ALA B 60 6.11 8.01 -18.69
C ALA B 60 6.52 8.50 -20.08
N GLN B 61 5.97 7.89 -21.14
CA GLN B 61 6.27 8.36 -22.49
C GLN B 61 5.92 9.84 -22.67
N ARG B 62 4.87 10.31 -22.00
CA ARG B 62 4.31 11.65 -22.18
C ARG B 62 4.75 12.63 -21.08
N SER B 63 5.81 12.27 -20.36
CA SER B 63 6.32 13.06 -19.25
C SER B 63 6.94 14.38 -19.69
N GLY B 64 7.21 14.56 -20.99
CA GLY B 64 7.67 15.83 -21.49
C GLY B 64 6.60 16.89 -21.63
N LEU B 65 5.33 16.54 -21.47
CA LEU B 65 4.31 17.58 -21.33
C LEU B 65 4.50 18.27 -19.99
N GLY B 66 4.32 19.59 -19.96
CA GLY B 66 4.54 20.35 -18.74
C GLY B 66 3.74 19.82 -17.57
N LEU B 67 2.50 19.40 -17.82
CA LEU B 67 1.64 18.82 -16.81
C LEU B 67 0.82 17.73 -17.48
N ILE B 68 0.78 16.54 -16.85
CA ILE B 68 -0.14 15.49 -17.23
C ILE B 68 -1.35 15.56 -16.31
N ILE B 69 -2.54 15.57 -16.90
CA ILE B 69 -3.79 15.25 -16.21
C ILE B 69 -4.22 13.83 -16.66
N THR B 70 -4.46 12.96 -15.70
CA THR B 70 -4.78 11.58 -16.05
C THR B 70 -6.14 11.49 -16.72
N GLU B 71 -6.36 10.35 -17.36
CA GLU B 71 -7.69 9.85 -17.65
C GLU B 71 -8.60 10.03 -16.45
N ALA B 72 -9.88 10.33 -16.69
CA ALA B 72 -10.86 10.35 -15.62
C ALA B 72 -10.80 9.05 -14.83
N THR B 73 -10.88 9.17 -13.49
CA THR B 73 -10.60 8.05 -12.58
C THR B 73 -11.69 8.04 -11.53
N GLN B 74 -12.51 7.00 -11.51
CA GLN B 74 -13.69 6.98 -10.65
C GLN B 74 -13.34 6.84 -9.17
N ILE B 75 -14.07 7.60 -8.35
CA ILE B 75 -13.89 7.59 -6.90
C ILE B 75 -14.62 6.43 -6.24
N SER B 76 -15.46 5.70 -6.99
CA SER B 76 -16.19 4.56 -6.46
C SER B 76 -16.71 3.76 -7.65
N GLN B 77 -17.11 2.51 -7.37
CA GLN B 77 -17.74 1.73 -8.44
C GLN B 77 -19.04 2.39 -8.91
N GLN B 78 -19.80 2.98 -7.99
CA GLN B 78 -20.98 3.75 -8.36
C GLN B 78 -20.65 4.85 -9.36
N GLY B 79 -19.45 5.40 -9.29
CA GLY B 79 -19.08 6.44 -10.23
C GLY B 79 -18.47 5.98 -11.55
N MET B 80 -18.48 4.69 -11.83
CA MET B 80 -17.95 4.15 -13.09
C MET B 80 -19.05 4.11 -14.17
N GLY B 81 -18.67 4.19 -15.46
CA GLY B 81 -19.65 4.23 -16.57
C GLY B 81 -19.12 3.63 -17.85
N TYR B 82 -17.88 3.18 -17.82
CA TYR B 82 -17.25 2.65 -19.04
C TYR B 82 -16.33 1.47 -18.67
N PRO B 83 -16.10 0.47 -19.55
CA PRO B 83 -15.30 -0.69 -19.13
C PRO B 83 -13.85 -0.30 -18.87
N ASP B 84 -13.22 -0.99 -17.91
CA ASP B 84 -11.76 -0.97 -17.71
C ASP B 84 -11.21 0.44 -17.54
N THR B 85 -11.97 1.32 -16.89
CA THR B 85 -11.33 2.56 -16.47
C THR B 85 -10.74 2.42 -15.08
N PRO B 86 -9.62 3.08 -14.77
CA PRO B 86 -9.01 2.90 -13.44
C PRO B 86 -9.79 3.58 -12.31
N GLY B 87 -9.68 3.02 -11.10
CA GLY B 87 -10.29 3.59 -9.93
C GLY B 87 -9.22 4.13 -8.98
N ILE B 88 -9.69 4.78 -7.91
CA ILE B 88 -8.78 5.29 -6.88
C ILE B 88 -9.39 5.04 -5.50
N TYR B 89 -10.16 3.96 -5.36
CA TYR B 89 -10.82 3.67 -4.09
C TYR B 89 -10.33 2.41 -3.37
N THR B 90 -9.39 1.65 -3.93
CA THR B 90 -8.83 0.49 -3.25
C THR B 90 -7.32 0.63 -3.10
N ASP B 91 -6.77 -0.18 -2.19
CA ASP B 91 -5.32 -0.18 -1.97
C ASP B 91 -4.58 -0.74 -3.17
N GLU B 92 -5.17 -1.74 -3.83
CA GLU B 92 -4.62 -2.27 -5.06
C GLU B 92 -4.51 -1.21 -6.13
N GLN B 93 -5.54 -0.36 -6.24
CA GLN B 93 -5.52 0.72 -7.22
C GLN B 93 -4.45 1.76 -6.88
N VAL B 94 -4.37 2.15 -5.61
CA VAL B 94 -3.31 3.09 -5.19
C VAL B 94 -1.94 2.56 -5.59
N ASP B 95 -1.68 1.26 -5.31
CA ASP B 95 -0.37 0.71 -5.66
C ASP B 95 -0.18 0.62 -7.17
N GLY B 96 -1.25 0.47 -7.94
CA GLY B 96 -1.09 0.54 -9.37
C GLY B 96 -0.72 1.95 -9.82
N TRP B 97 -1.40 2.95 -9.26
CA TRP B 97 -1.09 4.32 -9.60
C TRP B 97 0.32 4.69 -9.15
N ARG B 98 0.84 4.00 -8.14
CA ARG B 98 2.19 4.26 -7.65
C ARG B 98 3.23 3.91 -8.71
N MET B 99 3.00 2.82 -9.45
CA MET B 99 3.79 2.53 -10.63
C MET B 99 3.83 3.76 -11.54
N VAL B 100 2.65 4.31 -11.82
CA VAL B 100 2.52 5.42 -12.77
C VAL B 100 3.25 6.66 -12.27
N THR B 101 2.98 7.06 -11.02
CA THR B 101 3.60 8.28 -10.52
C THR B 101 5.10 8.10 -10.33
N GLU B 102 5.55 6.89 -9.95
CA GLU B 102 6.98 6.63 -9.86
C GLU B 102 7.67 6.89 -11.19
N ALA B 103 7.11 6.31 -12.26
CA ALA B 103 7.75 6.41 -13.58
C ALA B 103 7.75 7.85 -14.09
N VAL B 104 6.64 8.56 -13.92
CA VAL B 104 6.54 9.94 -14.36
C VAL B 104 7.53 10.81 -13.59
N HIS B 105 7.56 10.67 -12.27
CA HIS B 105 8.47 11.49 -11.49
C HIS B 105 9.93 11.18 -11.78
N ARG B 106 10.25 9.94 -12.13
CA ARG B 106 11.63 9.60 -12.51
C ARG B 106 12.01 10.29 -13.83
N ARG B 107 11.03 10.56 -14.68
CA ARG B 107 11.27 11.33 -15.90
C ARG B 107 11.09 12.82 -15.69
N GLU B 108 11.00 13.28 -14.43
CA GLU B 108 10.95 14.70 -14.08
C GLU B 108 9.64 15.34 -14.53
N GLY B 109 8.56 14.57 -14.57
CA GLY B 109 7.27 15.08 -14.97
C GLY B 109 6.41 15.50 -13.78
N CYS B 110 5.22 16.00 -14.11
CA CYS B 110 4.28 16.53 -13.12
C CYS B 110 2.92 15.95 -13.49
N ILE B 111 2.18 15.43 -12.51
CA ILE B 111 1.00 14.64 -12.86
C ILE B 111 -0.08 14.87 -11.83
N PHE B 112 -1.30 15.20 -12.31
CA PHE B 112 -2.51 15.35 -11.50
C PHE B 112 -3.51 14.27 -11.85
N LEU B 113 -4.16 13.69 -10.83
CA LEU B 113 -5.22 12.70 -11.03
C LEU B 113 -6.58 13.37 -11.15
N GLN B 114 -7.30 13.08 -12.24
CA GLN B 114 -8.65 13.57 -12.45
C GLN B 114 -9.66 12.66 -11.73
N LEU B 115 -10.40 13.21 -10.75
CA LEU B 115 -11.37 12.47 -9.94
C LEU B 115 -12.74 12.49 -10.63
N TRP B 116 -13.33 11.31 -10.79
CA TRP B 116 -14.49 11.16 -11.66
C TRP B 116 -15.67 10.57 -10.90
N HIS B 117 -16.86 11.01 -11.25
CA HIS B 117 -18.07 10.28 -10.93
C HIS B 117 -19.03 10.51 -12.09
N VAL B 118 -19.39 9.43 -12.80
CA VAL B 118 -20.08 9.59 -14.07
C VAL B 118 -21.54 9.94 -13.95
N GLY B 119 -22.11 9.89 -12.74
CA GLY B 119 -23.51 10.23 -12.58
C GLY B 119 -24.39 9.32 -13.42
N ARG B 120 -25.31 9.91 -14.17
CA ARG B 120 -26.26 9.12 -14.95
C ARG B 120 -25.63 8.49 -16.18
N VAL B 121 -24.43 8.90 -16.58
CA VAL B 121 -23.82 8.36 -17.78
C VAL B 121 -23.18 7.02 -17.42
N SER B 122 -24.03 6.03 -17.18
CA SER B 122 -23.58 4.72 -16.75
C SER B 122 -24.69 3.72 -17.05
N HIS B 123 -24.61 2.55 -16.44
CA HIS B 123 -25.56 1.48 -16.64
C HIS B 123 -25.52 0.55 -15.43
N SER B 124 -26.68 0.02 -15.08
CA SER B 124 -26.79 -0.84 -13.91
C SER B 124 -25.78 -1.98 -13.92
N SER B 125 -25.43 -2.49 -15.11
CA SER B 125 -24.46 -3.58 -15.21
C SER B 125 -23.08 -3.19 -14.69
N PHE B 126 -22.76 -1.90 -14.69
CA PHE B 126 -21.51 -1.41 -14.09
C PHE B 126 -21.65 -1.21 -12.59
N GLN B 127 -22.90 -1.22 -12.02
CA GLN B 127 -23.20 -0.69 -10.71
C GLN B 127 -23.20 -1.78 -9.64
N PRO B 128 -22.84 -1.45 -8.41
CA PRO B 128 -22.91 -2.44 -7.33
C PRO B 128 -24.31 -3.03 -7.28
N ASN B 129 -24.39 -4.35 -7.22
CA ASN B 129 -25.65 -5.05 -7.04
C ASN B 129 -26.66 -4.71 -8.14
N GLY B 130 -26.17 -4.34 -9.32
CA GLY B 130 -27.06 -4.00 -10.42
C GLY B 130 -27.92 -2.79 -10.15
N GLN B 131 -27.48 -1.93 -9.23
CA GLN B 131 -28.22 -0.74 -8.86
C GLN B 131 -28.31 0.21 -10.06
N LEU B 132 -29.27 1.13 -9.99
CA LEU B 132 -29.33 2.12 -11.06
C LEU B 132 -28.23 3.16 -10.88
N PRO B 133 -27.81 3.80 -11.96
CA PRO B 133 -26.93 4.97 -11.83
C PRO B 133 -27.64 6.08 -11.05
N VAL B 134 -26.86 6.92 -10.39
CA VAL B 134 -27.42 8.03 -9.61
C VAL B 134 -27.20 9.35 -10.34
N ALA B 135 -28.02 10.32 -10.00
CA ALA B 135 -28.04 11.61 -10.66
C ALA B 135 -28.78 12.58 -9.77
N PRO B 136 -28.71 13.87 -10.06
CA PRO B 136 -29.57 14.81 -9.32
C PRO B 136 -31.04 14.57 -9.56
N SER B 137 -31.43 14.05 -10.72
CA SER B 137 -32.84 13.87 -11.04
C SER B 137 -33.02 12.67 -11.96
N ALA B 138 -34.24 12.11 -11.95
CA ALA B 138 -34.54 10.88 -12.67
C ALA B 138 -34.85 11.17 -14.14
N ILE B 139 -33.79 11.54 -14.87
CA ILE B 139 -33.86 11.83 -16.30
C ILE B 139 -32.72 11.08 -16.98
N ALA B 140 -33.05 10.15 -17.86
CA ALA B 140 -32.03 9.48 -18.63
C ALA B 140 -31.51 10.42 -19.73
N PRO B 141 -30.24 10.29 -20.10
CA PRO B 141 -29.78 10.89 -21.35
C PRO B 141 -30.24 10.07 -22.54
N GLU B 142 -30.27 10.71 -23.71
CA GLU B 142 -30.62 10.03 -24.94
C GLU B 142 -29.50 9.09 -25.37
N GLY B 143 -29.85 8.15 -26.23
CA GLY B 143 -28.86 7.31 -26.86
C GLY B 143 -28.60 6.03 -26.10
N GLU B 144 -27.43 5.45 -26.35
CA GLU B 144 -27.10 4.11 -25.91
C GLU B 144 -25.72 4.10 -25.26
N VAL B 145 -25.47 3.06 -24.48
CA VAL B 145 -24.29 2.96 -23.63
C VAL B 145 -23.64 1.58 -23.82
N MET B 146 -22.32 1.56 -23.93
CA MET B 146 -21.62 0.28 -23.99
C MET B 146 -21.61 -0.35 -22.61
N THR B 147 -22.09 -1.60 -22.52
CA THR B 147 -21.96 -2.42 -21.32
C THR B 147 -21.08 -3.64 -21.62
N TYR B 148 -20.78 -4.41 -20.59
CA TYR B 148 -20.04 -5.65 -20.80
C TYR B 148 -20.73 -6.53 -21.82
N ASP B 149 -22.06 -6.57 -21.79
CA ASP B 149 -22.85 -7.40 -22.69
C ASP B 149 -23.43 -6.58 -23.84
N GLY B 150 -22.65 -5.66 -24.39
CA GLY B 150 -22.97 -4.99 -25.63
C GLY B 150 -23.62 -3.63 -25.46
N ILE B 151 -24.07 -3.05 -26.58
CA ILE B 151 -24.78 -1.78 -26.57
C ILE B 151 -26.17 -1.95 -26.00
N LYS B 152 -26.53 -1.08 -25.07
CA LYS B 152 -27.84 -1.14 -24.45
C LYS B 152 -28.34 0.32 -24.35
N PRO B 153 -29.64 0.53 -24.30
CA PRO B 153 -30.13 1.91 -24.11
C PRO B 153 -29.95 2.39 -22.68
N PHE B 154 -29.90 3.72 -22.52
CA PHE B 154 -29.74 4.28 -21.19
C PHE B 154 -30.97 4.01 -20.32
N GLU B 155 -30.69 3.68 -19.07
CA GLU B 155 -31.66 3.53 -17.98
C GLU B 155 -32.01 4.89 -17.39
N THR B 156 -33.27 5.05 -16.96
CA THR B 156 -33.59 6.15 -16.07
C THR B 156 -32.78 6.00 -14.78
N PRO B 157 -32.07 7.03 -14.34
CA PRO B 157 -31.28 6.93 -13.11
C PRO B 157 -32.10 7.22 -11.85
N ARG B 158 -31.55 6.79 -10.72
CA ARG B 158 -32.15 7.08 -9.42
C ARG B 158 -31.75 8.46 -8.94
N ALA B 159 -32.72 9.23 -8.45
CA ALA B 159 -32.46 10.57 -7.96
C ALA B 159 -31.87 10.49 -6.55
N LEU B 160 -30.77 11.22 -6.33
CA LEU B 160 -30.05 11.15 -5.08
C LEU B 160 -30.84 11.79 -3.94
N GLU B 161 -30.81 11.12 -2.79
CA GLU B 161 -31.48 11.74 -1.63
C GLU B 161 -30.58 12.85 -1.12
N THR B 162 -31.14 13.89 -0.53
CA THR B 162 -30.36 15.00 0.08
C THR B 162 -29.26 14.48 1.02
N GLU B 163 -29.54 13.44 1.76
CA GLU B 163 -28.55 12.88 2.70
C GLU B 163 -27.42 12.18 1.93
N GLU B 164 -27.72 11.58 0.80
CA GLU B 164 -26.67 10.78 0.09
C GLU B 164 -25.59 11.68 -0.51
N VAL B 165 -25.86 12.94 -0.77
CA VAL B 165 -24.82 13.76 -1.40
C VAL B 165 -23.58 13.84 -0.53
N ALA B 166 -23.77 14.10 0.77
CA ALA B 166 -22.61 14.20 1.65
C ALA B 166 -21.77 12.94 1.59
N HIS B 167 -22.40 11.79 1.35
CA HIS B 167 -21.65 10.55 1.17
C HIS B 167 -20.86 10.59 -0.14
N ILE B 168 -21.37 11.29 -1.16
CA ILE B 168 -20.61 11.40 -2.40
C ILE B 168 -19.45 12.37 -2.24
N VAL B 169 -19.64 13.42 -1.43
CA VAL B 169 -18.52 14.33 -1.19
C VAL B 169 -17.43 13.63 -0.40
N GLU B 170 -17.79 12.71 0.50
CA GLU B 170 -16.81 11.95 1.26
C GLU B 170 -16.02 10.99 0.37
N ASP B 171 -16.67 10.39 -0.64
CA ASP B 171 -15.90 9.59 -1.58
C ASP B 171 -14.85 10.42 -2.31
N TYR B 172 -15.17 11.68 -2.61
CA TYR B 172 -14.17 12.56 -3.21
C TYR B 172 -13.04 12.81 -2.22
N ARG B 173 -13.36 13.07 -0.96
CA ARG B 173 -12.31 13.29 0.03
C ARG B 173 -11.39 12.07 0.14
N LYS B 174 -11.96 10.86 0.22
CA LYS B 174 -11.16 9.66 0.36
C LYS B 174 -10.39 9.35 -0.91
N ALA B 175 -10.95 9.72 -2.07
CA ALA B 175 -10.19 9.62 -3.30
C ALA B 175 -8.99 10.56 -3.29
N ALA B 176 -9.16 11.79 -2.78
CA ALA B 176 -8.03 12.71 -2.69
C ALA B 176 -6.97 12.16 -1.73
N ILE B 177 -7.41 11.67 -0.57
CA ILE B 177 -6.52 10.97 0.36
C ILE B 177 -5.72 9.88 -0.36
N ASN B 178 -6.40 9.08 -1.18
CA ASN B 178 -5.72 7.99 -1.87
C ASN B 178 -4.82 8.51 -2.98
N ALA B 179 -5.23 9.59 -3.66
CA ALA B 179 -4.35 10.17 -4.68
C ALA B 179 -3.06 10.66 -4.06
N LYS B 180 -3.15 11.29 -2.89
CA LYS B 180 -1.94 11.76 -2.22
C LYS B 180 -1.03 10.59 -1.87
N ARG B 181 -1.61 9.49 -1.39
CA ARG B 181 -0.80 8.32 -1.12
C ARG B 181 -0.18 7.72 -2.38
N ALA B 182 -0.87 7.78 -3.51
CA ALA B 182 -0.28 7.22 -4.73
C ALA B 182 0.77 8.14 -5.34
N GLY B 183 0.96 9.32 -4.80
CA GLY B 183 2.06 10.18 -5.19
C GLY B 183 1.71 11.32 -6.12
N PHE B 184 0.44 11.60 -6.35
CA PHE B 184 0.10 12.63 -7.31
C PHE B 184 0.43 14.02 -6.80
N ASP B 185 0.94 14.86 -7.70
CA ASP B 185 1.24 16.25 -7.33
C ASP B 185 -0.01 17.04 -7.03
N GLY B 186 -1.13 16.69 -7.64
CA GLY B 186 -2.37 17.41 -7.45
C GLY B 186 -3.52 16.56 -7.95
N ILE B 187 -4.71 17.14 -7.88
CA ILE B 187 -5.90 16.46 -8.39
C ILE B 187 -6.73 17.46 -9.19
N GLU B 188 -7.53 16.93 -10.12
CA GLU B 188 -8.45 17.74 -10.90
C GLU B 188 -9.84 17.19 -10.72
N ILE B 189 -10.78 18.06 -10.38
CA ILE B 189 -12.16 17.64 -10.21
C ILE B 189 -12.86 17.76 -11.57
N HIS B 190 -13.34 16.63 -12.08
CA HIS B 190 -14.04 16.59 -13.34
C HIS B 190 -15.44 17.15 -13.11
N SER B 191 -15.70 18.37 -13.57
CA SER B 191 -17.00 18.99 -13.45
C SER B 191 -17.51 19.36 -14.84
N ALA B 192 -17.22 18.52 -15.83
CA ALA B 192 -17.55 18.80 -17.22
C ALA B 192 -18.22 17.58 -17.87
N ASN B 193 -18.65 17.78 -19.12
CA ASN B 193 -18.98 16.73 -20.10
C ASN B 193 -20.09 15.79 -19.67
N GLY B 194 -21.06 16.31 -18.92
CA GLY B 194 -22.30 15.60 -18.69
C GLY B 194 -22.32 14.64 -17.53
N TYR B 195 -21.27 14.60 -16.70
CA TYR B 195 -21.19 13.67 -15.59
C TYR B 195 -21.84 14.27 -14.33
N LEU B 196 -21.62 13.63 -13.19
CA LEU B 196 -22.46 13.88 -12.01
C LEU B 196 -22.43 15.35 -11.63
N LEU B 197 -21.23 15.94 -11.55
CA LEU B 197 -21.16 17.33 -11.11
C LEU B 197 -21.73 18.27 -12.15
N HIS B 198 -21.48 18.00 -13.42
CA HIS B 198 -22.09 18.83 -14.45
C HIS B 198 -23.62 18.68 -14.43
N GLU B 199 -24.13 17.49 -14.09
CA GLU B 199 -25.57 17.27 -14.00
C GLU B 199 -26.22 18.10 -12.89
N PHE B 200 -25.58 18.21 -11.73
CA PHE B 200 -26.17 19.09 -10.71
C PHE B 200 -26.11 20.55 -11.15
N LEU B 201 -25.11 20.92 -11.94
CA LEU B 201 -24.89 22.34 -12.26
C LEU B 201 -25.94 22.90 -13.20
N GLU B 202 -26.50 22.09 -14.09
CA GLU B 202 -27.39 22.57 -15.14
C GLU B 202 -28.82 22.20 -14.81
N ASP B 203 -29.73 23.17 -14.92
CA ASP B 203 -31.15 22.96 -14.68
C ASP B 203 -31.86 22.17 -15.78
N GLY B 204 -31.18 21.86 -16.88
CA GLY B 204 -31.71 20.86 -17.80
C GLY B 204 -31.70 19.48 -17.21
N THR B 205 -30.75 19.22 -16.30
CA THR B 205 -30.60 17.93 -15.65
C THR B 205 -30.90 17.97 -14.17
N ASN B 206 -30.92 19.14 -13.56
CA ASN B 206 -31.13 19.26 -12.13
C ASN B 206 -32.47 19.96 -11.93
N LYS B 207 -33.50 19.16 -11.65
CA LYS B 207 -34.83 19.64 -11.32
C LYS B 207 -35.16 19.50 -9.84
N ARG B 208 -34.15 19.51 -8.97
CA ARG B 208 -34.37 19.23 -7.56
C ARG B 208 -34.90 20.46 -6.83
N THR B 209 -35.43 20.22 -5.63
CA THR B 209 -36.10 21.24 -4.82
C THR B 209 -35.46 21.42 -3.45
N ASP B 210 -34.33 20.77 -3.19
CA ASP B 210 -33.69 20.84 -1.89
C ASP B 210 -32.56 21.87 -1.93
N ARG B 211 -31.60 21.73 -1.02
CA ARG B 211 -30.46 22.64 -0.93
C ARG B 211 -29.51 22.54 -2.13
N TYR B 212 -29.65 21.53 -2.99
CA TYR B 212 -28.79 21.34 -4.16
C TYR B 212 -29.50 21.62 -5.48
N GLY B 213 -30.64 22.29 -5.47
CA GLY B 213 -31.38 22.52 -6.70
C GLY B 213 -32.12 23.83 -6.66
N GLY B 214 -32.40 24.37 -7.85
CA GLY B 214 -33.15 25.61 -7.99
C GLY B 214 -32.27 26.81 -8.26
N SER B 215 -31.98 27.57 -7.20
CA SER B 215 -31.12 28.73 -7.35
C SER B 215 -29.73 28.31 -7.84
N ILE B 216 -29.17 29.10 -8.75
CA ILE B 216 -27.83 28.88 -9.28
C ILE B 216 -26.86 28.57 -8.15
N GLU B 217 -26.95 29.27 -7.02
CA GLU B 217 -26.03 28.95 -5.93
C GLU B 217 -26.25 27.51 -5.49
N ASN B 218 -27.52 27.12 -5.32
CA ASN B 218 -27.83 25.79 -4.82
C ASN B 218 -27.28 24.71 -5.75
N ARG B 219 -27.45 24.88 -7.05
CA ARG B 219 -27.00 23.85 -7.98
C ARG B 219 -25.49 23.66 -7.95
N ALA B 220 -24.73 24.69 -7.52
CA ALA B 220 -23.29 24.58 -7.38
C ALA B 220 -22.85 24.10 -6.01
N ARG B 221 -23.82 24.18 -5.14
CA ARG B 221 -23.48 23.77 -3.78
C ARG B 221 -22.60 22.53 -3.77
N ILE B 222 -22.92 21.44 -4.43
CA ILE B 222 -22.20 20.17 -4.41
C ILE B 222 -20.76 20.34 -4.89
N VAL B 223 -20.51 21.25 -5.81
CA VAL B 223 -19.17 21.44 -6.32
C VAL B 223 -18.29 22.11 -5.28
N PHE B 224 -18.84 23.10 -4.59
CA PHE B 224 -18.07 23.73 -3.53
C PHE B 224 -17.97 22.82 -2.31
N GLU B 225 -18.94 21.93 -2.10
CA GLU B 225 -18.74 20.95 -1.04
C GLU B 225 -17.63 19.98 -1.41
N VAL B 226 -17.58 19.52 -2.67
CA VAL B 226 -16.48 18.67 -3.08
C VAL B 226 -15.16 19.42 -2.86
N LEU B 227 -15.11 20.69 -3.24
CA LEU B 227 -13.85 21.44 -3.18
C LEU B 227 -13.40 21.65 -1.74
N ASP B 228 -14.33 22.05 -0.86
CA ASP B 228 -14.00 22.15 0.56
C ASP B 228 -13.45 20.84 1.09
N ALA B 229 -13.97 19.69 0.64
CA ALA B 229 -13.55 18.40 1.23
C ALA B 229 -12.17 17.95 0.73
N VAL B 230 -11.93 18.08 -0.58
CA VAL B 230 -10.64 17.62 -1.17
C VAL B 230 -9.55 18.63 -0.83
N CYS B 231 -9.94 19.80 -0.33
CA CYS B 231 -8.94 20.80 0.12
C CYS B 231 -8.53 20.46 1.56
N LYS B 232 -9.15 19.48 2.14
CA LYS B 232 -8.70 19.14 3.48
C LYS B 232 -7.59 18.08 3.37
N VAL B 233 -7.22 17.67 2.15
CA VAL B 233 -6.08 16.72 2.05
C VAL B 233 -4.98 17.38 1.21
N TYR B 234 -5.37 18.05 0.16
CA TYR B 234 -4.46 18.81 -0.70
C TYR B 234 -4.64 20.30 -0.45
N PRO B 235 -3.56 21.08 -0.45
CA PRO B 235 -3.70 22.54 -0.48
C PRO B 235 -4.52 22.93 -1.69
N SER B 236 -5.26 24.02 -1.57
CA SER B 236 -6.08 24.49 -2.68
C SER B 236 -5.25 24.74 -3.92
N ARG B 237 -3.98 25.15 -3.77
CA ARG B 237 -3.17 25.43 -4.96
C ARG B 237 -2.74 24.15 -5.66
N ARG B 238 -3.26 23.00 -5.23
CA ARG B 238 -2.94 21.73 -5.84
C ARG B 238 -4.20 21.00 -6.26
N VAL B 239 -5.32 21.72 -6.36
CA VAL B 239 -6.63 21.18 -6.73
C VAL B 239 -7.16 22.02 -7.89
N GLY B 240 -7.25 21.41 -9.08
CA GLY B 240 -7.86 22.05 -10.21
C GLY B 240 -9.30 21.55 -10.43
N ILE B 241 -9.99 22.21 -11.34
CA ILE B 241 -11.37 21.83 -11.69
C ILE B 241 -11.57 22.11 -13.17
N ARG B 242 -12.30 21.22 -13.83
CA ARG B 242 -12.50 21.27 -15.26
C ARG B 242 -13.97 21.52 -15.58
N LEU B 243 -14.22 22.50 -16.43
CA LEU B 243 -15.58 22.87 -16.82
C LEU B 243 -15.74 22.81 -18.32
N SER B 244 -16.98 22.54 -18.75
CA SER B 244 -17.39 22.61 -20.14
C SER B 244 -18.60 23.54 -20.15
N PRO B 245 -18.38 24.85 -20.31
CA PRO B 245 -19.48 25.82 -20.10
C PRO B 245 -20.53 25.88 -21.20
N ASP B 246 -20.36 25.17 -22.31
CA ASP B 246 -21.38 25.24 -23.36
C ASP B 246 -21.21 24.02 -24.28
N THR B 247 -21.84 22.91 -23.88
CA THR B 247 -21.80 21.70 -24.68
C THR B 247 -23.11 20.96 -24.57
N GLU B 248 -23.47 20.25 -25.64
CA GLU B 248 -24.63 19.36 -25.62
C GLU B 248 -24.26 17.90 -25.43
N PHE B 249 -23.00 17.59 -25.15
CA PHE B 249 -22.56 16.24 -24.86
C PHE B 249 -23.43 15.60 -23.78
N MET B 250 -23.81 14.34 -23.99
CA MET B 250 -24.61 13.58 -23.02
C MET B 250 -25.83 14.37 -22.55
N SER B 251 -26.52 14.96 -23.54
CA SER B 251 -27.87 15.46 -23.33
C SER B 251 -27.89 16.53 -22.24
N MET B 252 -26.94 17.45 -22.30
CA MET B 252 -26.81 18.49 -21.30
C MET B 252 -27.48 19.77 -21.78
N SER B 253 -28.00 20.55 -20.83
CA SER B 253 -28.66 21.82 -21.15
C SER B 253 -28.94 22.57 -19.86
N ASP B 254 -29.05 23.88 -19.99
CA ASP B 254 -29.41 24.77 -18.89
C ASP B 254 -29.90 26.08 -19.51
N SER B 255 -30.85 26.74 -18.83
CA SER B 255 -31.58 27.83 -19.47
C SER B 255 -30.69 29.06 -19.67
N ASP B 256 -29.82 29.36 -18.71
CA ASP B 256 -28.98 30.57 -18.74
C ASP B 256 -27.55 30.16 -18.40
N ARG B 257 -26.89 29.52 -19.37
CA ARG B 257 -25.48 29.15 -19.19
C ARG B 257 -24.62 30.38 -18.94
N PRO B 258 -24.78 31.48 -19.68
CA PRO B 258 -23.95 32.67 -19.40
C PRO B 258 -23.92 33.08 -17.94
N ALA B 259 -25.07 33.04 -17.26
CA ALA B 259 -25.09 33.45 -15.85
C ALA B 259 -24.70 32.32 -14.92
N LEU B 260 -25.00 31.07 -15.29
CA LEU B 260 -24.64 29.94 -14.42
C LEU B 260 -23.13 29.84 -14.24
N TYR B 261 -22.38 29.99 -15.33
CA TYR B 261 -20.94 29.84 -15.27
C TYR B 261 -20.23 31.12 -14.84
N SER B 262 -20.76 32.28 -15.22
CA SER B 262 -20.28 33.53 -14.63
C SER B 262 -20.18 33.39 -13.12
N TYR B 263 -21.33 33.17 -12.47
CA TYR B 263 -21.33 32.96 -11.02
C TYR B 263 -20.27 31.94 -10.61
N LEU B 264 -20.28 30.77 -11.24
CA LEU B 264 -19.45 29.67 -10.76
C LEU B 264 -17.97 30.04 -10.82
N VAL B 265 -17.54 30.62 -11.94
CA VAL B 265 -16.12 30.86 -12.16
C VAL B 265 -15.59 31.86 -11.13
N GLN B 266 -16.24 33.02 -11.06
CA GLN B 266 -15.92 34.05 -10.09
C GLN B 266 -16.15 33.58 -8.67
N GLU B 267 -16.92 32.53 -8.45
CA GLU B 267 -16.89 31.96 -7.10
C GLU B 267 -15.60 31.15 -6.92
N LEU B 268 -15.21 30.43 -7.97
CA LEU B 268 -14.01 29.59 -7.95
C LEU B 268 -12.75 30.44 -7.86
N SER B 269 -12.79 31.66 -8.39
CA SER B 269 -11.59 32.49 -8.41
C SER B 269 -11.19 32.89 -6.99
N ARG B 270 -12.16 33.10 -6.11
CA ARG B 270 -11.83 33.41 -4.72
C ARG B 270 -11.35 32.20 -3.93
N ARG B 271 -11.43 31.00 -4.52
CA ARG B 271 -11.03 29.78 -3.83
C ARG B 271 -9.54 29.45 -3.99
N GLU B 272 -8.79 30.26 -4.72
CA GLU B 272 -7.34 30.11 -4.89
C GLU B 272 -6.98 28.66 -5.24
N LEU B 273 -7.61 28.18 -6.30
CA LEU B 273 -7.35 26.84 -6.81
C LEU B 273 -6.07 26.81 -7.63
N ALA B 274 -5.57 25.59 -7.86
CA ALA B 274 -4.41 25.39 -8.72
C ALA B 274 -4.58 26.04 -10.08
N TYR B 275 -5.76 25.86 -10.69
CA TYR B 275 -6.05 26.35 -12.02
C TYR B 275 -7.52 26.10 -12.29
N LEU B 276 -8.03 26.79 -13.31
CA LEU B 276 -9.33 26.50 -13.88
C LEU B 276 -9.12 25.97 -15.29
N HIS B 277 -9.69 24.80 -15.56
CA HIS B 277 -9.49 24.09 -16.83
C HIS B 277 -10.79 24.16 -17.62
N LEU B 278 -10.79 24.89 -18.75
CA LEU B 278 -12.00 25.05 -19.57
C LEU B 278 -11.88 24.37 -20.93
N ILE B 279 -12.99 23.75 -21.36
CA ILE B 279 -13.05 23.08 -22.65
C ILE B 279 -13.77 23.99 -23.63
N GLU B 280 -13.18 24.21 -24.81
CA GLU B 280 -13.78 25.08 -25.81
C GLU B 280 -15.11 24.48 -26.28
N PRO B 281 -16.09 25.32 -26.60
CA PRO B 281 -17.39 24.80 -27.08
C PRO B 281 -17.32 24.06 -28.40
N ARG B 282 -16.25 24.20 -29.19
CA ARG B 282 -16.11 23.47 -30.44
C ARG B 282 -15.79 21.99 -30.24
N ILE B 283 -15.85 21.52 -29.00
CA ILE B 283 -15.71 20.08 -28.71
C ILE B 283 -16.98 19.61 -28.02
N LYS B 284 -17.48 18.48 -28.50
CA LYS B 284 -18.63 17.80 -27.92
C LYS B 284 -18.09 16.51 -27.29
N GLY B 285 -17.46 16.67 -26.13
CA GLY B 285 -16.89 15.55 -25.41
C GLY B 285 -15.58 15.08 -26.00
N ASN B 286 -15.65 14.25 -27.03
CA ASN B 286 -14.47 13.59 -27.59
C ASN B 286 -14.34 13.80 -29.10
N VAL B 287 -15.05 14.79 -29.66
CA VAL B 287 -15.14 14.99 -31.10
C VAL B 287 -15.36 16.47 -31.40
N ASP B 288 -15.03 16.87 -32.62
CA ASP B 288 -15.20 18.24 -33.05
C ASP B 288 -16.64 18.49 -33.48
N VAL B 289 -17.16 19.66 -33.13
CA VAL B 289 -18.52 20.06 -33.48
C VAL B 289 -18.52 21.50 -33.92
N GLU B 290 -19.29 21.82 -34.95
CA GLU B 290 -19.46 23.20 -35.37
C GLU B 290 -20.53 23.81 -34.46
N LYS B 291 -20.19 24.91 -33.80
CA LYS B 291 -20.93 25.35 -32.62
C LYS B 291 -20.78 26.85 -32.54
N GLU B 292 -21.88 27.59 -32.50
CA GLU B 292 -21.79 29.02 -32.24
C GLU B 292 -21.99 29.25 -30.75
N SER B 293 -21.06 29.98 -30.14
CA SER B 293 -21.07 30.18 -28.70
C SER B 293 -20.18 31.36 -28.36
N SER B 294 -20.56 32.09 -27.31
CA SER B 294 -19.73 33.13 -26.74
C SER B 294 -19.21 32.73 -25.35
N LEU B 295 -19.23 31.42 -25.07
CA LEU B 295 -18.84 30.91 -23.73
C LEU B 295 -17.50 30.19 -23.84
N ASN B 296 -16.59 30.79 -24.59
CA ASN B 296 -15.24 30.21 -24.78
C ASN B 296 -14.27 30.82 -23.75
N VAL B 297 -12.97 30.69 -23.98
CA VAL B 297 -11.99 31.14 -22.96
C VAL B 297 -11.83 32.67 -22.90
N GLU B 298 -12.04 33.39 -23.99
CA GLU B 298 -11.89 34.83 -23.86
C GLU B 298 -12.98 35.42 -22.99
N PHE B 299 -14.13 34.76 -22.95
CA PHE B 299 -15.23 35.19 -22.09
C PHE B 299 -14.89 35.07 -20.61
N PHE B 300 -14.07 34.08 -20.23
CA PHE B 300 -13.89 33.79 -18.81
C PHE B 300 -12.58 34.33 -18.23
N ARG B 301 -11.55 34.52 -19.05
CA ARG B 301 -10.29 35.12 -18.58
C ARG B 301 -10.52 36.30 -17.64
N PRO B 302 -11.32 37.32 -17.99
CA PRO B 302 -11.52 38.44 -17.05
C PRO B 302 -12.31 38.09 -15.80
N LEU B 303 -12.93 36.91 -15.70
CA LEU B 303 -13.68 36.59 -14.49
C LEU B 303 -12.95 35.64 -13.57
N TYR B 304 -11.82 35.08 -14.00
CA TYR B 304 -11.04 34.17 -13.18
C TYR B 304 -9.67 34.77 -12.96
N LYS B 305 -9.19 34.74 -11.72
CA LYS B 305 -7.97 35.46 -11.38
C LYS B 305 -6.73 34.59 -11.43
N GLY B 306 -6.87 33.28 -11.37
CA GLY B 306 -5.73 32.38 -11.29
C GLY B 306 -5.27 31.85 -12.62
N VAL B 307 -4.71 30.63 -12.58
CA VAL B 307 -4.16 29.97 -13.76
C VAL B 307 -5.29 29.36 -14.56
N LEU B 308 -5.25 29.56 -15.88
CA LEU B 308 -6.36 29.18 -16.76
C LEU B 308 -5.85 28.25 -17.85
N ILE B 309 -6.36 27.03 -17.87
CA ILE B 309 -6.04 26.04 -18.90
C ILE B 309 -7.15 26.07 -19.93
N THR B 310 -6.80 26.22 -21.18
CA THR B 310 -7.78 26.11 -22.26
C THR B 310 -7.49 24.86 -23.09
N ALA B 311 -8.54 24.11 -23.38
CA ALA B 311 -8.43 22.83 -24.08
C ALA B 311 -9.46 22.77 -25.18
N GLY B 312 -9.16 22.01 -26.23
CA GLY B 312 -10.17 21.62 -27.19
C GLY B 312 -10.02 22.18 -28.59
N GLY B 313 -9.63 21.32 -29.53
CA GLY B 313 -9.47 21.69 -30.91
C GLY B 313 -8.20 22.42 -31.25
N TYR B 314 -7.24 22.52 -30.34
CA TYR B 314 -6.08 23.33 -30.64
C TYR B 314 -5.06 22.61 -31.51
N GLN B 315 -4.36 23.42 -32.29
CA GLN B 315 -3.18 23.09 -33.04
C GLN B 315 -2.02 23.84 -32.42
N LYS B 316 -0.85 23.74 -33.02
CA LYS B 316 0.25 24.55 -32.52
C LYS B 316 -0.04 26.04 -32.70
N GLU B 317 -0.58 26.42 -33.86
CA GLU B 317 -0.76 27.85 -34.13
C GLU B 317 -1.80 28.48 -33.23
N THR B 318 -3.00 27.89 -33.17
CA THR B 318 -4.04 28.46 -32.33
C THR B 318 -3.74 28.32 -30.84
N GLY B 319 -2.96 27.31 -30.45
CA GLY B 319 -2.55 27.24 -29.06
C GLY B 319 -1.65 28.41 -28.69
N GLU B 320 -0.60 28.62 -29.51
CA GLU B 320 0.30 29.74 -29.34
C GLU B 320 -0.46 31.06 -29.30
N GLU B 321 -1.45 31.22 -30.17
CA GLU B 321 -2.20 32.47 -30.19
C GLU B 321 -2.87 32.72 -28.84
N ARG B 322 -3.47 31.70 -28.23
CA ARG B 322 -4.09 31.85 -26.92
C ARG B 322 -3.09 32.38 -25.90
N LEU B 323 -1.83 31.90 -25.96
CA LEU B 323 -0.82 32.29 -24.99
C LEU B 323 -0.25 33.68 -25.29
N GLN B 324 0.03 33.97 -26.56
CA GLN B 324 0.52 35.30 -26.94
C GLN B 324 -0.47 36.39 -26.56
N LYS B 325 -1.77 36.15 -26.77
CA LYS B 325 -2.81 37.13 -26.47
C LYS B 325 -3.24 37.13 -25.02
N GLN B 326 -2.68 36.22 -24.21
CA GLN B 326 -3.00 36.08 -22.79
C GLN B 326 -4.46 35.71 -22.56
N HIS B 327 -5.06 34.95 -23.49
CA HIS B 327 -6.39 34.40 -23.24
C HIS B 327 -6.35 33.30 -22.19
N ALA B 328 -5.20 32.64 -22.05
CA ALA B 328 -4.99 31.56 -21.11
C ALA B 328 -3.49 31.47 -20.84
N ASP B 329 -3.17 30.73 -19.78
CA ASP B 329 -1.81 30.53 -19.33
C ASP B 329 -1.24 29.18 -19.75
N LEU B 330 -2.10 28.18 -19.96
CA LEU B 330 -1.67 26.84 -20.35
C LEU B 330 -2.63 26.37 -21.43
N VAL B 331 -2.16 25.49 -22.32
CA VAL B 331 -3.01 24.92 -23.36
C VAL B 331 -2.92 23.39 -23.29
N ALA B 332 -4.07 22.74 -23.19
CA ALA B 332 -4.17 21.30 -23.06
C ALA B 332 -4.44 20.68 -24.43
N TYR B 333 -3.65 19.66 -24.77
CA TYR B 333 -3.81 18.91 -26.00
C TYR B 333 -4.18 17.48 -25.65
N GLY B 334 -5.25 16.98 -26.28
CA GLY B 334 -5.71 15.63 -26.04
C GLY B 334 -5.29 14.69 -27.14
N ARG B 335 -6.03 14.72 -28.26
CA ARG B 335 -5.80 13.77 -29.35
C ARG B 335 -4.37 13.85 -29.91
N TRP B 336 -3.84 15.06 -30.05
CA TRP B 336 -2.45 15.13 -30.50
C TRP B 336 -1.49 14.45 -29.53
N VAL B 337 -1.77 14.47 -28.23
CA VAL B 337 -0.82 13.85 -27.31
C VAL B 337 -0.98 12.34 -27.29
N ILE B 338 -2.19 11.82 -27.55
CA ILE B 338 -2.33 10.38 -27.80
C ILE B 338 -1.27 9.95 -28.81
N ALA B 339 -1.19 10.66 -29.96
CA ALA B 339 -0.37 10.23 -31.08
C ALA B 339 1.09 10.68 -31.00
N ASN B 340 1.41 11.66 -30.15
CA ASN B 340 2.72 12.30 -30.16
C ASN B 340 3.16 12.46 -28.73
N PRO B 341 3.81 11.43 -28.15
CA PRO B 341 4.26 11.55 -26.77
C PRO B 341 5.20 12.72 -26.54
N ASP B 342 6.04 13.01 -27.54
CA ASP B 342 6.97 14.13 -27.52
C ASP B 342 6.42 15.35 -28.25
N LEU B 343 5.12 15.63 -28.12
CA LEU B 343 4.52 16.76 -28.84
C LEU B 343 5.25 18.07 -28.58
N PRO B 344 5.69 18.41 -27.37
CA PRO B 344 6.43 19.67 -27.22
C PRO B 344 7.67 19.73 -28.11
N SER B 345 8.43 18.63 -28.19
CA SER B 345 9.64 18.64 -28.99
C SER B 345 9.30 18.72 -30.48
N ARG B 346 8.16 18.15 -30.88
CA ARG B 346 7.77 18.26 -32.29
C ARG B 346 7.39 19.70 -32.62
N PHE B 347 6.69 20.37 -31.72
CA PHE B 347 6.44 21.79 -31.90
C PHE B 347 7.74 22.58 -31.95
N GLU B 348 8.73 22.18 -31.15
CA GLU B 348 9.99 22.92 -31.08
C GLU B 348 10.80 22.81 -32.36
N GLN B 349 10.94 21.58 -32.90
CA GLN B 349 11.52 21.40 -34.24
C GLN B 349 10.56 21.64 -35.39
N ASN B 350 9.30 22.01 -35.17
CA ASN B 350 8.36 22.13 -36.30
C ASN B 350 8.42 20.87 -37.15
N ALA B 351 8.44 19.72 -36.48
CA ALA B 351 8.37 18.40 -37.08
C ALA B 351 6.92 18.02 -37.39
N PRO B 352 6.68 17.16 -38.37
CA PRO B 352 5.31 16.67 -38.59
C PRO B 352 4.78 15.96 -37.35
N LEU B 353 3.46 15.92 -37.21
CA LEU B 353 2.79 15.26 -36.10
C LEU B 353 2.27 13.89 -36.55
N ASN B 354 2.53 12.84 -35.75
CA ASN B 354 1.89 11.56 -36.03
C ASN B 354 0.38 11.74 -36.03
N PRO B 355 -0.33 11.14 -37.00
CA PRO B 355 -1.79 11.22 -36.97
C PRO B 355 -2.35 10.36 -35.86
N TYR B 356 -3.42 10.83 -35.24
CA TYR B 356 -4.09 10.08 -34.19
C TYR B 356 -5.15 9.18 -34.81
N ASP B 357 -5.21 7.95 -34.31
CA ASP B 357 -6.08 6.88 -34.85
C ASP B 357 -7.20 6.66 -33.86
N ARG B 358 -8.38 7.24 -34.14
CA ARG B 358 -9.50 7.15 -33.23
C ARG B 358 -9.88 5.70 -32.96
N ALA B 359 -9.60 4.78 -33.88
CA ALA B 359 -10.08 3.42 -33.71
C ALA B 359 -9.39 2.71 -32.54
N THR B 360 -8.28 3.23 -32.04
CA THR B 360 -7.60 2.63 -30.91
C THR B 360 -7.61 3.56 -29.69
N PHE B 361 -8.48 4.57 -29.69
CA PHE B 361 -8.58 5.41 -28.49
C PHE B 361 -9.04 4.60 -27.27
N TYR B 362 -10.08 3.80 -27.49
CA TYR B 362 -10.77 3.13 -26.36
C TYR B 362 -10.55 1.64 -26.33
N GLY B 363 -9.97 1.19 -25.24
CA GLY B 363 -9.74 -0.25 -25.05
C GLY B 363 -8.61 -0.80 -25.87
N GLY B 364 -8.43 -2.10 -25.78
CA GLY B 364 -7.37 -2.74 -26.56
C GLY B 364 -6.08 -2.93 -25.80
N ASN B 365 -4.96 -2.82 -26.50
CA ASN B 365 -3.63 -3.01 -25.90
C ASN B 365 -2.67 -1.89 -26.28
N GLU B 366 -1.40 -2.24 -26.47
CA GLU B 366 -0.32 -1.28 -26.78
C GLU B 366 -0.50 -0.63 -28.15
N LYS B 367 -1.27 -1.29 -29.02
CA LYS B 367 -1.43 -0.76 -30.38
C LYS B 367 -2.26 0.51 -30.26
N GLY B 368 -1.73 1.58 -30.80
CA GLY B 368 -2.37 2.86 -30.69
C GLY B 368 -2.34 3.45 -29.29
N TYR B 369 -1.45 2.93 -28.44
CA TYR B 369 -1.35 3.37 -27.05
C TYR B 369 0.09 3.74 -26.68
N THR B 370 1.01 2.78 -26.71
CA THR B 370 2.41 3.06 -26.44
C THR B 370 3.30 2.88 -27.68
N ASP B 371 2.73 2.71 -28.85
CA ASP B 371 3.56 2.43 -30.03
C ASP B 371 3.57 3.60 -31.02
N TYR B 372 3.03 4.75 -30.66
CA TYR B 372 3.27 5.95 -31.45
C TYR B 372 4.75 6.36 -31.31
N PRO B 373 5.43 6.69 -32.41
CA PRO B 373 6.90 6.85 -32.35
C PRO B 373 7.33 8.21 -31.83
N PHE B 374 8.56 8.22 -31.28
CA PHE B 374 9.22 9.46 -30.89
C PHE B 374 10.13 9.98 -32.01
N LEU B 375 10.46 11.28 -31.92
CA LEU B 375 11.53 11.85 -32.74
C LEU B 375 12.90 11.29 -32.35
N ASP B 376 13.12 11.08 -31.07
CA ASP B 376 14.41 10.66 -30.50
C ASP B 376 14.23 9.33 -29.78
N PRO B 377 14.76 8.23 -30.32
CA PRO B 377 14.64 6.93 -29.65
C PRO B 377 15.17 6.88 -28.22
N ARG B 378 16.09 7.74 -27.83
CA ARG B 378 16.49 7.74 -26.42
C ARG B 378 15.32 8.08 -25.51
N ASP B 379 14.43 8.96 -25.98
CA ASP B 379 13.22 9.32 -25.23
C ASP B 379 12.38 8.08 -24.96
N SER B 380 12.15 7.27 -25.97
CA SER B 380 11.41 6.00 -25.81
C SER B 380 12.10 5.05 -24.81
N GLN B 381 13.41 4.85 -25.00
CA GLN B 381 14.17 3.91 -24.15
C GLN B 381 14.03 4.33 -22.69
N GLU B 382 14.03 5.63 -22.44
CA GLU B 382 14.04 6.11 -21.04
C GLU B 382 12.68 5.83 -20.44
N ALA B 383 11.64 6.14 -21.19
CA ALA B 383 10.29 5.80 -20.76
C ALA B 383 10.19 4.32 -20.40
N LEU B 384 10.73 3.45 -21.24
CA LEU B 384 10.57 2.02 -20.99
C LEU B 384 11.43 1.59 -19.80
N LYS B 385 12.66 2.09 -19.71
CA LYS B 385 13.48 1.79 -18.55
C LYS B 385 12.79 2.18 -17.25
N GLU B 386 12.21 3.39 -17.20
CA GLU B 386 11.58 3.87 -15.98
C GLU B 386 10.27 3.17 -15.69
N ALA B 387 9.51 2.79 -16.74
CA ALA B 387 8.28 2.05 -16.50
C ALA B 387 8.59 0.68 -15.91
N GLU B 388 9.65 0.02 -16.40
CA GLU B 388 9.92 -1.32 -15.93
C GLU B 388 10.49 -1.30 -14.51
N ALA B 389 11.29 -0.28 -14.18
CA ALA B 389 11.77 -0.15 -12.82
C ALA B 389 10.62 0.14 -11.86
N ALA B 390 9.67 0.96 -12.28
CA ALA B 390 8.50 1.22 -11.44
C ALA B 390 7.72 -0.07 -11.18
N GLU B 391 7.62 -0.93 -12.19
CA GLU B 391 6.83 -2.14 -12.01
C GLU B 391 7.53 -3.12 -11.07
N ARG B 392 8.87 -3.21 -11.15
CA ARG B 392 9.57 -4.06 -10.20
C ARG B 392 9.39 -3.54 -8.79
N LYS B 393 9.38 -2.21 -8.63
CA LYS B 393 9.28 -1.61 -7.30
C LYS B 393 7.90 -1.83 -6.70
N TRP B 394 6.83 -1.58 -7.45
CA TRP B 394 5.48 -1.62 -6.85
C TRP B 394 4.67 -2.87 -7.16
N ARG B 395 5.25 -3.84 -7.84
CA ARG B 395 4.54 -5.10 -8.15
C ARG B 395 3.73 -5.54 -6.93
N ARG B 396 2.48 -5.91 -7.13
CA ARG B 396 1.73 -6.28 -5.91
C ARG B 396 1.87 -7.79 -5.57
N LEU B 397 1.92 -8.66 -6.56
CA LEU B 397 1.95 -10.11 -6.31
C LEU B 397 3.01 -10.67 -7.27
C03 U6W C . 8.03 -13.59 24.62
C04 U6W C . 7.15 -11.61 23.62
C05 U6W C . 7.60 -12.23 24.90
C06 U6W C . 7.88 -13.78 23.12
C07 U6W C . 6.61 -10.19 23.46
O01 U6W C . 7.34 -12.56 22.55
O02 U6W C . 8.12 -14.76 22.52
N1 FMN D . 11.00 -14.70 21.32
C2 FMN D . 10.11 -14.81 20.28
O2 FMN D . 9.90 -15.90 19.79
N3 FMN D . 9.46 -13.70 19.80
C4 FMN D . 9.70 -12.46 20.35
O4 FMN D . 9.15 -11.45 19.91
C4A FMN D . 10.62 -12.36 21.39
N5 FMN D . 10.89 -11.14 21.96
C5A FMN D . 11.82 -11.05 22.97
C6 FMN D . 12.14 -9.82 23.53
C7 FMN D . 13.08 -9.75 24.56
C7M FMN D . 13.42 -8.44 25.18
C8 FMN D . 13.70 -10.90 25.00
C8M FMN D . 14.75 -10.88 26.10
C9 FMN D . 13.39 -12.11 24.43
C9A FMN D . 12.47 -12.18 23.40
N10 FMN D . 12.17 -13.42 22.85
C10 FMN D . 11.27 -13.49 21.84
C1' FMN D . 12.85 -14.69 23.28
C2' FMN D . 14.18 -14.65 22.53
O2' FMN D . 13.95 -14.86 21.13
C3' FMN D . 15.23 -15.64 23.04
O3' FMN D . 14.73 -16.95 22.99
C4' FMN D . 15.62 -15.30 24.46
O4' FMN D . 16.05 -13.96 24.57
C5' FMN D . 16.71 -16.28 24.92
O5' FMN D . 17.79 -16.22 24.01
P FMN D . 19.12 -15.48 24.53
O1P FMN D . 20.14 -15.47 23.40
O2P FMN D . 18.76 -14.06 24.87
O3P FMN D . 19.66 -16.22 25.73
N1 FMN E . -12.03 14.70 -20.97
C2 FMN E . -12.06 14.54 -19.62
O2 FMN E . -12.30 15.50 -18.88
N3 FMN E . -11.74 13.33 -19.05
C4 FMN E . -11.45 12.23 -19.81
O4 FMN E . -11.20 11.12 -19.29
C4A FMN E . -11.45 12.40 -21.18
N5 FMN E . -11.18 11.33 -22.00
C5A FMN E . -11.11 11.48 -23.36
C6 FMN E . -10.80 10.39 -24.14
C7 FMN E . -10.74 10.56 -25.52
C7M FMN E . -10.39 9.36 -26.34
C8 FMN E . -11.01 11.80 -26.09
C8M FMN E . -10.98 12.02 -27.57
C9 FMN E . -11.32 12.89 -25.31
C9A FMN E . -11.40 12.71 -23.92
N10 FMN E . -11.70 13.78 -23.12
C10 FMN E . -11.71 13.62 -21.75
C1' FMN E . -11.93 15.13 -23.70
C2' FMN E . -10.47 15.63 -23.90
O2' FMN E . -9.77 15.81 -22.68
C3' FMN E . -10.30 16.90 -24.72
O3' FMN E . -10.99 17.93 -24.07
C4' FMN E . -10.78 16.68 -26.16
O4' FMN E . -10.12 15.58 -26.76
C5' FMN E . -10.61 17.93 -27.04
O5' FMN E . -9.25 18.30 -27.04
P FMN E . -8.28 17.98 -28.27
O1P FMN E . -6.96 18.61 -27.84
O2P FMN E . -8.14 16.49 -28.48
O3P FMN E . -8.80 18.61 -29.54
#